data_4PHH
#
_entry.id   4PHH
#
_cell.length_a   60.570
_cell.length_b   72.230
_cell.length_c   82.340
_cell.angle_alpha   90.00
_cell.angle_beta   91.49
_cell.angle_gamma   90.00
#
_symmetry.space_group_name_H-M   'P 1 21 1'
#
loop_
_entity.id
_entity.type
_entity.pdbx_description
1 polymer 'GTP-binding protein YPT7'
2 non-polymer "5'-O-[(R)-hydroxy{[(S)-hydroxy(phosphonoamino)phosphoryl]oxy}phosphoryl]-N-[3-(propanoylamino)propyl]guanosine"
3 non-polymer 'MAGNESIUM ION'
4 non-polymer 'CHLORIDE ION'
5 water water
#
_entity_poly.entity_id   1
_entity_poly.type   'polypeptide(L)'
_entity_poly.pdbx_seq_one_letter_code
;GHMSSRKKNILKVIILGDSGVGKTSLMHRYVNDKYSCQYKATIGADFLTKEVTVDGDKVATMQVWDTAGQERFQSLGVAF
YRGADCCVLVYDVTNASSFENIKSWRDEFLVHANVNSPETFPFVILGNKIDAEESKKIVSEKSAQELAKSLGDIPLFLTS
AKNAINVDTAFEEIARSALQQNQA
;
_entity_poly.pdbx_strand_id   A,B,C,D
#
loop_
_chem_comp.id
_chem_comp.type
_chem_comp.name
_chem_comp.formula
2UK non-polymer 5'-O-[(R)-hydroxy{[(S)-hydroxy(phosphonoamino)phosphoryl]oxy}phosphoryl]-N-[3-(propanoylamino)propyl]guanosine 'C16 H28 N7 O14 P3'
CL non-polymer 'CHLORIDE ION' 'Cl -1'
MG non-polymer 'MAGNESIUM ION' 'Mg 2'
#
# COMPACT_ATOMS: atom_id res chain seq x y z
N ILE A 10 -4.06 2.04 34.21
CA ILE A 10 -5.29 2.43 34.98
C ILE A 10 -6.52 2.77 34.12
N LEU A 11 -6.50 3.88 33.37
CA LEU A 11 -7.75 4.30 32.70
C LEU A 11 -7.94 3.67 31.33
N LYS A 12 -9.02 2.90 31.16
CA LYS A 12 -9.31 2.24 29.88
C LYS A 12 -10.43 2.92 29.13
N VAL A 13 -10.13 3.37 27.93
CA VAL A 13 -11.10 4.05 27.12
C VAL A 13 -11.20 3.31 25.81
N ILE A 14 -12.43 3.09 25.33
CA ILE A 14 -12.73 2.42 24.08
C ILE A 14 -13.37 3.42 23.11
N ILE A 15 -12.94 3.41 21.86
CA ILE A 15 -13.44 4.29 20.84
C ILE A 15 -14.16 3.45 19.82
N LEU A 16 -15.46 3.76 19.64
CA LEU A 16 -16.35 3.07 18.71
C LEU A 16 -16.98 4.05 17.71
N GLY A 17 -17.34 3.51 16.55
CA GLY A 17 -18.05 4.27 15.52
C GLY A 17 -17.77 3.62 14.18
N ASP A 18 -18.55 4.01 13.16
CA ASP A 18 -18.41 3.42 11.83
C ASP A 18 -17.04 3.55 11.18
N SER A 19 -16.78 2.68 10.21
CA SER A 19 -15.59 2.79 9.36
C SER A 19 -15.53 4.14 8.67
N GLY A 20 -14.41 4.80 8.78
CA GLY A 20 -14.16 6.00 8.03
C GLY A 20 -14.36 7.26 8.80
N VAL A 21 -14.95 7.16 10.01
CA VAL A 21 -15.34 8.38 10.77
C VAL A 21 -14.14 9.12 11.34
N GLY A 22 -13.02 8.41 11.48
CA GLY A 22 -11.79 9.00 11.96
C GLY A 22 -11.29 8.60 13.36
N LYS A 23 -11.65 7.41 13.86
CA LYS A 23 -11.23 6.93 15.20
C LYS A 23 -9.72 6.80 15.40
N THR A 24 -9.06 6.16 14.43
CA THR A 24 -7.64 5.91 14.46
C THR A 24 -6.97 7.30 14.37
N SER A 25 -7.41 8.15 13.45
CA SER A 25 -6.86 9.49 13.37
C SER A 25 -6.99 10.25 14.66
N LEU A 26 -8.12 10.14 15.33
CA LEU A 26 -8.31 10.90 16.58
C LEU A 26 -7.33 10.39 17.67
N MET A 27 -7.09 9.09 17.68
CA MET A 27 -6.19 8.50 18.65
C MET A 27 -4.75 8.95 18.41
N HIS A 28 -4.31 8.89 17.15
CA HIS A 28 -2.99 9.44 16.80
C HIS A 28 -2.86 10.92 17.07
N ARG A 29 -3.95 11.68 16.99
CA ARG A 29 -3.84 13.10 17.22
C ARG A 29 -3.59 13.35 18.71
N TYR A 30 -4.39 12.71 19.53
CA TYR A 30 -4.33 12.91 20.95
C TYR A 30 -3.11 12.31 21.59
N VAL A 31 -2.71 11.11 21.14
CA VAL A 31 -1.54 10.45 21.72
C VAL A 31 -0.20 10.91 21.15
N ASN A 32 -0.15 11.16 19.84
CA ASN A 32 1.12 11.45 19.14
C ASN A 32 1.19 12.85 18.53
N ASP A 33 0.13 13.64 18.63
CA ASP A 33 0.09 14.95 17.97
C ASP A 33 0.48 14.88 16.48
N LYS A 34 0.09 13.80 15.80
CA LYS A 34 0.31 13.66 14.36
C LYS A 34 -0.94 13.24 13.63
N TYR A 35 -0.93 13.45 12.31
CA TYR A 35 -2.02 13.08 11.42
C TYR A 35 -1.51 12.72 10.00
N SER A 36 -2.20 11.79 9.37
CA SER A 36 -1.87 11.31 8.05
C SER A 36 -3.15 11.17 7.17
N CYS A 37 -3.10 11.66 5.94
CA CYS A 37 -4.27 11.62 5.05
C CYS A 37 -4.64 10.19 4.63
N GLN A 38 -3.70 9.27 4.77
CA GLN A 38 -3.83 7.98 4.15
C GLN A 38 -4.66 7.03 5.00
N TYR A 39 -5.84 6.69 4.46
CA TYR A 39 -6.71 5.69 5.06
C TYR A 39 -6.01 4.32 5.14
N LYS A 40 -5.83 3.86 6.39
CA LYS A 40 -5.33 2.52 6.71
C LYS A 40 -6.34 1.81 7.64
N ALA A 41 -7.19 0.92 7.07
CA ALA A 41 -8.29 0.27 7.84
C ALA A 41 -7.81 -0.44 9.11
N THR A 42 -8.44 -0.14 10.24
CA THR A 42 -8.15 -0.81 11.48
C THR A 42 -8.77 -2.24 11.54
N ILE A 43 -7.92 -3.17 12.01
CA ILE A 43 -8.23 -4.59 12.18
C ILE A 43 -7.99 -5.03 13.62
N GLY A 44 -8.97 -5.66 14.24
CA GLY A 44 -8.81 -6.04 15.64
C GLY A 44 -8.60 -4.83 16.54
N ALA A 45 -8.82 -5.02 17.84
CA ALA A 45 -8.64 -3.97 18.80
C ALA A 45 -7.21 -3.91 19.35
N ASP A 46 -6.69 -2.70 19.49
CA ASP A 46 -5.45 -2.47 20.22
C ASP A 46 -5.40 -1.05 20.78
N PHE A 47 -4.46 -0.79 21.67
CA PHE A 47 -4.39 0.50 22.35
C PHE A 47 -3.03 1.20 22.15
N LEU A 48 -3.04 2.52 22.35
CA LEU A 48 -1.85 3.33 22.61
C LEU A 48 -1.97 3.86 24.07
N THR A 49 -0.89 4.33 24.68
CA THR A 49 -1.01 4.94 26.03
C THR A 49 -0.49 6.38 26.12
N LYS A 50 -1.12 7.14 27.00
CA LYS A 50 -0.70 8.49 27.32
C LYS A 50 -0.80 8.73 28.82
N GLU A 51 0.26 9.27 29.41
CA GLU A 51 0.20 9.76 30.78
C GLU A 51 -0.57 11.10 30.77
N VAL A 52 -1.51 11.25 31.71
CA VAL A 52 -2.36 12.42 31.72
C VAL A 52 -2.29 13.04 33.10
N THR A 53 -2.75 14.28 33.18
CA THR A 53 -2.99 14.96 34.43
C THR A 53 -4.40 15.50 34.34
N VAL A 54 -5.24 15.23 35.34
CA VAL A 54 -6.59 15.79 35.33
C VAL A 54 -6.57 17.30 35.62
N ASP A 55 -7.73 17.90 35.40
CA ASP A 55 -7.96 19.30 35.76
C ASP A 55 -7.52 19.54 37.21
N GLY A 56 -7.79 18.57 38.08
CA GLY A 56 -7.36 18.64 39.48
C GLY A 56 -5.85 18.55 39.75
N ASP A 57 -5.07 18.25 38.72
CA ASP A 57 -3.64 17.91 38.85
C ASP A 57 -3.39 16.55 39.53
N LYS A 58 -4.38 15.64 39.42
CA LYS A 58 -4.20 14.20 39.65
C LYS A 58 -3.65 13.53 38.38
N VAL A 59 -2.79 12.53 38.58
CA VAL A 59 -2.01 11.93 37.49
C VAL A 59 -2.53 10.52 37.14
N ALA A 60 -2.41 10.11 35.88
CA ALA A 60 -2.98 8.84 35.42
C ALA A 60 -2.47 8.41 34.04
N THR A 61 -2.42 7.10 33.82
CA THR A 61 -2.06 6.53 32.52
C THR A 61 -3.35 6.15 31.83
N MET A 62 -3.58 6.71 30.64
CA MET A 62 -4.81 6.47 29.91
C MET A 62 -4.51 5.46 28.82
N GLN A 63 -5.31 4.43 28.74
CA GLN A 63 -5.09 3.37 27.77
C GLN A 63 -6.22 3.51 26.76
N VAL A 64 -5.89 3.96 25.55
CA VAL A 64 -6.90 4.30 24.56
C VAL A 64 -6.99 3.20 23.50
N TRP A 65 -8.16 2.60 23.36
CA TRP A 65 -8.38 1.46 22.49
C TRP A 65 -9.05 1.80 21.20
N ASP A 66 -8.41 1.48 20.09
CA ASP A 66 -8.97 1.70 18.77
C ASP A 66 -9.56 0.37 18.29
N THR A 67 -10.69 0.45 17.60
CA THR A 67 -11.44 -0.73 17.20
C THR A 67 -11.77 -0.62 15.73
N ALA A 68 -12.10 -1.73 15.11
CA ALA A 68 -12.44 -1.70 13.69
C ALA A 68 -13.88 -1.24 13.52
N GLY A 69 -14.13 -0.43 12.52
CA GLY A 69 -15.51 -0.09 12.17
C GLY A 69 -16.18 -1.07 11.23
N GLN A 70 -15.39 -1.69 10.36
CA GLN A 70 -15.88 -2.71 9.43
C GLN A 70 -16.19 -4.03 10.16
N GLU A 71 -17.40 -4.57 9.99
CA GLU A 71 -17.76 -5.85 10.64
C GLU A 71 -16.61 -6.89 10.57
N ARG A 72 -16.16 -7.18 9.35
CA ARG A 72 -15.17 -8.22 9.07
C ARG A 72 -13.79 -8.07 9.77
N PHE A 73 -13.42 -6.88 10.20
CA PHE A 73 -12.15 -6.74 10.91
C PHE A 73 -12.32 -6.68 12.45
N GLN A 74 -13.56 -6.78 12.93
CA GLN A 74 -13.81 -6.77 14.37
C GLN A 74 -13.29 -8.01 15.14
N SER A 75 -13.51 -7.99 16.44
CA SER A 75 -13.11 -9.06 17.33
C SER A 75 -14.31 -9.85 17.84
N VAL A 78 -14.40 -9.03 21.60
CA VAL A 78 -15.48 -9.07 22.56
C VAL A 78 -15.03 -8.77 24.01
N ALA A 79 -13.98 -9.44 24.46
CA ALA A 79 -13.50 -9.31 25.83
C ALA A 79 -13.04 -7.89 26.17
N PHE A 80 -12.26 -7.29 25.27
CA PHE A 80 -11.73 -5.93 25.43
C PHE A 80 -12.73 -4.85 25.93
N TYR A 81 -14.00 -4.94 25.51
CA TYR A 81 -15.05 -4.05 25.99
C TYR A 81 -15.12 -4.04 27.51
N ARG A 82 -14.93 -5.20 28.14
CA ARG A 82 -14.93 -5.28 29.62
C ARG A 82 -13.66 -4.62 30.18
N GLY A 83 -13.76 -3.96 31.34
CA GLY A 83 -12.69 -3.13 31.91
C GLY A 83 -12.90 -1.62 31.69
N ALA A 84 -13.46 -1.25 30.54
CA ALA A 84 -13.47 0.13 30.09
C ALA A 84 -14.04 1.05 31.14
N ASP A 85 -13.37 2.18 31.34
CA ASP A 85 -13.84 3.21 32.28
C ASP A 85 -14.55 4.36 31.55
N CYS A 86 -14.47 4.39 30.22
CA CYS A 86 -15.24 5.35 29.42
C CYS A 86 -15.37 4.81 28.00
N CYS A 87 -16.40 5.23 27.28
CA CYS A 87 -16.64 4.79 25.90
C CYS A 87 -16.92 6.00 25.05
N VAL A 88 -16.14 6.15 23.99
CA VAL A 88 -16.22 7.32 23.12
C VAL A 88 -16.95 6.87 21.84
N LEU A 89 -17.98 7.59 21.45
CA LEU A 89 -18.74 7.25 20.26
C LEU A 89 -18.51 8.36 19.20
N VAL A 90 -18.05 7.99 18.01
CA VAL A 90 -17.60 8.91 17.04
C VAL A 90 -18.43 8.78 15.77
N TYR A 91 -18.96 9.91 15.27
CA TYR A 91 -19.48 9.97 13.92
C TYR A 91 -18.78 11.03 13.12
N ASP A 92 -19.04 11.05 11.83
CA ASP A 92 -18.40 11.95 10.84
C ASP A 92 -19.46 12.98 10.46
N VAL A 93 -19.23 14.28 10.64
CA VAL A 93 -20.29 15.24 10.27
C VAL A 93 -20.66 15.19 8.76
N THR A 94 -19.87 14.48 7.93
CA THR A 94 -20.12 14.40 6.46
C THR A 94 -20.84 13.15 5.98
N ASN A 95 -21.41 12.37 6.90
CA ASN A 95 -21.92 11.02 6.63
C ASN A 95 -23.12 10.74 7.54
N ALA A 96 -24.32 10.81 6.97
CA ALA A 96 -25.55 10.78 7.77
C ALA A 96 -25.64 9.49 8.54
N SER A 97 -25.26 8.39 7.89
CA SER A 97 -25.45 7.05 8.43
C SER A 97 -24.66 6.86 9.71
N SER A 98 -23.42 7.36 9.70
CA SER A 98 -22.53 7.27 10.86
C SER A 98 -23.20 7.83 12.09
N PHE A 99 -23.95 8.91 11.90
CA PHE A 99 -24.61 9.60 12.99
C PHE A 99 -25.77 8.78 13.51
N GLU A 100 -26.54 8.24 12.59
CA GLU A 100 -27.74 7.45 12.91
C GLU A 100 -27.38 6.10 13.59
N ASN A 101 -26.12 5.69 13.45
CA ASN A 101 -25.61 4.51 14.13
C ASN A 101 -25.10 4.71 15.58
N ILE A 102 -25.05 5.95 16.09
CA ILE A 102 -24.42 6.21 17.41
C ILE A 102 -25.08 5.46 18.54
N LYS A 103 -26.39 5.53 18.62
CA LYS A 103 -27.09 4.77 19.65
C LYS A 103 -26.84 3.26 19.50
N SER A 104 -26.64 2.73 18.29
CA SER A 104 -26.42 1.27 18.18
C SER A 104 -25.01 0.89 18.61
N TRP A 105 -24.05 1.78 18.39
CA TRP A 105 -22.74 1.60 19.02
C TRP A 105 -22.81 1.69 20.52
N ARG A 106 -23.60 2.64 21.06
CA ARG A 106 -23.75 2.73 22.50
C ARG A 106 -24.32 1.44 23.09
N ASP A 107 -25.40 0.94 22.51
CA ASP A 107 -26.04 -0.30 22.96
C ASP A 107 -25.18 -1.56 22.75
N GLU A 108 -24.45 -1.62 21.66
CA GLU A 108 -23.51 -2.72 21.45
C GLU A 108 -22.49 -2.74 22.63
N PHE A 109 -21.90 -1.59 22.92
CA PHE A 109 -21.06 -1.51 24.11
C PHE A 109 -21.73 -2.03 25.38
N LEU A 110 -22.90 -1.51 25.73
CA LEU A 110 -23.53 -1.92 27.00
C LEU A 110 -23.92 -3.40 27.02
N VAL A 111 -24.32 -3.95 25.88
CA VAL A 111 -24.65 -5.35 25.86
C VAL A 111 -23.42 -6.21 26.23
N HIS A 112 -22.26 -5.89 25.69
CA HIS A 112 -21.12 -6.75 25.81
C HIS A 112 -20.16 -6.33 26.90
N ALA A 113 -20.33 -5.14 27.49
CA ALA A 113 -19.31 -4.57 28.39
C ALA A 113 -19.37 -4.99 29.87
N ASN A 114 -20.52 -5.49 30.33
CA ASN A 114 -20.69 -5.91 31.73
C ASN A 114 -20.34 -4.84 32.80
N VAL A 115 -20.75 -3.61 32.50
CA VAL A 115 -20.60 -2.49 33.42
C VAL A 115 -21.73 -2.53 34.44
N ASN A 116 -21.47 -1.99 35.63
CA ASN A 116 -22.42 -2.16 36.71
C ASN A 116 -23.57 -1.17 36.78
N SER A 117 -23.43 0.01 36.17
CA SER A 117 -24.54 0.97 36.16
C SER A 117 -24.70 1.72 34.84
N PRO A 118 -25.26 1.06 33.82
CA PRO A 118 -25.53 1.61 32.50
C PRO A 118 -26.09 3.03 32.40
N GLU A 119 -26.90 3.47 33.35
CA GLU A 119 -27.49 4.81 33.26
C GLU A 119 -26.53 5.93 33.71
N THR A 120 -25.48 5.57 34.46
CA THR A 120 -24.42 6.51 34.89
C THR A 120 -23.10 6.36 34.09
N PHE A 121 -22.91 5.22 33.42
CA PHE A 121 -21.64 4.91 32.78
C PHE A 121 -21.31 5.97 31.75
N PRO A 122 -20.06 6.44 31.75
CA PRO A 122 -19.72 7.60 30.98
C PRO A 122 -19.51 7.26 29.52
N PHE A 123 -20.24 7.97 28.67
CA PHE A 123 -20.00 7.96 27.27
C PHE A 123 -19.61 9.36 26.88
N VAL A 124 -18.84 9.52 25.80
CA VAL A 124 -18.70 10.83 25.24
C VAL A 124 -18.91 10.64 23.76
N ILE A 125 -19.58 11.58 23.11
CA ILE A 125 -19.79 11.51 21.67
C ILE A 125 -18.92 12.52 21.04
N LEU A 126 -18.31 12.16 19.90
CA LEU A 126 -17.55 13.08 19.07
C LEU A 126 -18.08 13.11 17.65
N GLY A 127 -18.29 14.32 17.15
CA GLY A 127 -18.58 14.56 15.74
C GLY A 127 -17.35 15.05 15.02
N ASN A 128 -16.78 14.22 14.16
CA ASN A 128 -15.47 14.49 13.61
C ASN A 128 -15.52 14.97 12.16
N LYS A 129 -14.42 15.58 11.71
CA LYS A 129 -14.22 16.06 10.34
C LYS A 129 -14.86 17.44 10.10
N ILE A 130 -14.93 18.27 11.13
CA ILE A 130 -15.50 19.62 10.96
C ILE A 130 -14.70 20.55 10.02
N ASP A 131 -13.41 20.28 9.85
CA ASP A 131 -12.57 21.00 8.91
C ASP A 131 -13.01 20.87 7.45
N ALA A 132 -13.91 19.94 7.16
CA ALA A 132 -14.34 19.68 5.77
C ALA A 132 -15.23 20.82 5.27
N GLU A 133 -15.35 20.95 3.95
CA GLU A 133 -16.04 22.09 3.33
C GLU A 133 -17.55 22.00 3.60
N GLU A 134 -18.17 23.16 3.79
CA GLU A 134 -19.56 23.24 4.25
C GLU A 134 -20.51 22.46 3.35
N SER A 135 -20.32 22.61 2.05
CA SER A 135 -20.99 21.82 1.00
C SER A 135 -21.14 20.31 1.28
N LYS A 136 -20.16 19.71 1.95
CA LYS A 136 -20.11 18.27 2.22
C LYS A 136 -20.69 17.89 3.61
N LYS A 137 -20.87 18.89 4.48
CA LYS A 137 -21.31 18.67 5.87
C LYS A 137 -22.81 18.48 5.95
N ILE A 138 -23.25 17.48 6.72
CA ILE A 138 -24.65 17.03 6.69
C ILE A 138 -25.36 16.96 8.05
N VAL A 139 -24.63 16.86 9.15
CA VAL A 139 -25.27 16.55 10.42
C VAL A 139 -25.27 17.78 11.27
N SER A 140 -26.45 18.26 11.65
CA SER A 140 -26.51 19.55 12.33
C SER A 140 -25.89 19.38 13.70
N GLU A 141 -25.21 20.40 14.18
CA GLU A 141 -24.87 20.45 15.59
C GLU A 141 -26.15 20.17 16.39
N LYS A 142 -27.24 20.85 16.03
CA LYS A 142 -28.49 20.80 16.78
C LYS A 142 -28.98 19.37 16.96
N SER A 143 -28.97 18.60 15.87
CA SER A 143 -29.34 17.19 15.87
C SER A 143 -28.48 16.43 16.88
N ALA A 144 -27.18 16.72 16.85
CA ALA A 144 -26.21 16.00 17.65
C ALA A 144 -26.45 16.28 19.11
N GLN A 145 -26.75 17.53 19.42
CA GLN A 145 -27.03 17.91 20.79
C GLN A 145 -28.33 17.26 21.27
N GLU A 146 -29.28 17.05 20.36
CA GLU A 146 -30.53 16.34 20.68
C GLU A 146 -30.25 14.87 20.99
N LEU A 147 -29.51 14.22 20.11
CA LEU A 147 -29.24 12.82 20.32
C LEU A 147 -28.46 12.69 21.62
N ALA A 148 -27.48 13.58 21.82
CA ALA A 148 -26.64 13.53 23.01
C ALA A 148 -27.44 13.67 24.31
N LYS A 149 -28.46 14.53 24.32
CA LYS A 149 -29.33 14.66 25.49
C LYS A 149 -30.21 13.38 25.65
N SER A 150 -30.82 12.96 24.55
CA SER A 150 -31.81 11.86 24.59
C SER A 150 -31.17 10.55 25.09
N LEU A 151 -29.86 10.40 24.87
CA LEU A 151 -29.07 9.28 25.41
C LEU A 151 -28.56 9.47 26.87
N GLY A 152 -29.10 10.47 27.59
CA GLY A 152 -28.81 10.67 29.03
C GLY A 152 -27.85 11.83 29.31
N ASP A 153 -27.89 12.88 28.46
CA ASP A 153 -27.08 14.10 28.62
C ASP A 153 -25.58 13.82 28.55
N ILE A 154 -25.21 13.09 27.52
CA ILE A 154 -23.86 12.67 27.28
C ILE A 154 -23.09 13.87 26.76
N PRO A 155 -21.85 14.10 27.21
CA PRO A 155 -21.10 15.17 26.60
C PRO A 155 -20.87 15.02 25.09
N LEU A 156 -20.86 16.12 24.38
CA LEU A 156 -20.66 16.12 22.93
C LEU A 156 -19.52 17.10 22.61
N PHE A 157 -18.72 16.80 21.59
CA PHE A 157 -17.60 17.59 21.16
C PHE A 157 -17.40 17.47 19.63
N LEU A 158 -17.26 18.60 18.95
CA LEU A 158 -17.03 18.59 17.51
C LEU A 158 -15.59 18.75 17.32
N THR A 159 -15.00 17.91 16.48
CA THR A 159 -13.55 17.81 16.43
C THR A 159 -13.03 17.70 15.00
N SER A 160 -11.73 17.99 14.85
CA SER A 160 -11.01 17.68 13.64
C SER A 160 -9.72 17.07 14.05
N ALA A 161 -9.56 15.78 13.82
CA ALA A 161 -8.22 15.16 13.97
C ALA A 161 -7.23 15.79 12.96
N LYS A 162 -7.68 16.21 11.79
CA LYS A 162 -6.75 16.66 10.76
C LYS A 162 -6.06 17.96 11.14
N ASN A 163 -6.90 18.95 11.48
CA ASN A 163 -6.47 20.31 11.85
C ASN A 163 -6.16 20.49 13.33
N ALA A 164 -6.28 19.42 14.13
CA ALA A 164 -6.00 19.49 15.55
C ALA A 164 -6.95 20.51 16.18
N ILE A 165 -8.24 20.32 15.91
CA ILE A 165 -9.27 21.16 16.48
C ILE A 165 -10.05 20.40 17.51
N ASN A 166 -9.96 20.85 18.75
CA ASN A 166 -10.81 20.43 19.84
C ASN A 166 -10.60 19.01 20.35
N VAL A 167 -9.61 18.32 19.81
CA VAL A 167 -9.34 16.96 20.23
C VAL A 167 -8.81 16.90 21.65
N ASP A 168 -8.03 17.89 22.01
CA ASP A 168 -7.53 18.10 23.38
C ASP A 168 -8.65 18.32 24.42
N THR A 169 -9.52 19.31 24.18
CA THR A 169 -10.77 19.53 24.93
C THR A 169 -11.60 18.23 25.13
N ALA A 170 -11.96 17.59 24.04
CA ALA A 170 -12.73 16.37 24.07
C ALA A 170 -12.09 15.34 24.99
N PHE A 171 -10.80 15.11 24.83
CA PHE A 171 -10.13 14.07 25.63
C PHE A 171 -9.86 14.43 27.08
N GLU A 172 -9.99 15.70 27.45
CA GLU A 172 -9.87 16.10 28.84
C GLU A 172 -11.15 15.68 29.55
N GLU A 173 -12.29 15.90 28.90
CA GLU A 173 -13.56 15.37 29.42
C GLU A 173 -13.52 13.83 29.48
N ILE A 174 -13.13 13.18 28.38
CA ILE A 174 -13.01 11.71 28.38
C ILE A 174 -12.14 11.24 29.55
N ALA A 175 -10.99 11.88 29.76
CA ALA A 175 -10.16 11.60 30.95
C ALA A 175 -10.87 11.86 32.28
N ARG A 176 -11.45 13.05 32.39
CA ARG A 176 -12.16 13.45 33.62
C ARG A 176 -13.27 12.43 33.90
N SER A 177 -14.10 12.14 32.89
CA SER A 177 -15.19 11.17 33.08
C SER A 177 -14.68 9.76 33.34
N ALA A 178 -13.57 9.36 32.75
CA ALA A 178 -13.06 8.01 33.00
C ALA A 178 -12.51 7.80 34.41
N LEU A 179 -11.79 8.79 34.93
CA LEU A 179 -11.17 8.67 36.27
C LEU A 179 -12.26 8.59 37.34
N GLN A 180 -13.36 9.31 37.12
CA GLN A 180 -14.47 9.32 38.07
C GLN A 180 -15.05 7.91 38.20
N GLN A 181 -15.31 7.30 37.04
CA GLN A 181 -15.77 5.91 36.94
C GLN A 181 -14.81 4.82 37.46
N ASN A 182 -13.50 5.00 37.29
CA ASN A 182 -12.55 3.97 37.77
C ASN A 182 -12.55 3.97 39.30
N GLN A 183 -12.07 5.06 39.90
CA GLN A 183 -12.08 5.27 41.37
C GLN A 183 -10.94 6.20 41.84
N ILE B 10 25.23 -7.31 -19.23
CA ILE B 10 25.96 -7.49 -17.94
C ILE B 10 25.69 -6.36 -16.91
N LEU B 11 25.14 -6.74 -15.76
CA LEU B 11 24.61 -5.76 -14.87
C LEU B 11 25.60 -5.53 -13.75
N LYS B 12 26.03 -4.28 -13.60
CA LYS B 12 26.92 -3.93 -12.48
C LYS B 12 26.05 -3.49 -11.33
N VAL B 13 26.08 -4.26 -10.23
CA VAL B 13 25.24 -4.00 -9.06
C VAL B 13 26.13 -3.71 -7.85
N ILE B 14 26.00 -2.54 -7.25
CA ILE B 14 26.83 -2.20 -6.11
C ILE B 14 26.03 -2.20 -4.77
N ILE B 15 26.53 -2.96 -3.78
CA ILE B 15 25.92 -3.07 -2.45
C ILE B 15 26.63 -2.15 -1.47
N LEU B 16 25.86 -1.30 -0.78
CA LEU B 16 26.43 -0.29 0.14
C LEU B 16 25.66 -0.26 1.42
N GLY B 17 26.35 0.11 2.52
CA GLY B 17 25.72 0.28 3.83
C GLY B 17 26.66 0.06 5.03
N ASP B 18 26.22 0.39 6.25
CA ASP B 18 27.19 0.41 7.38
C ASP B 18 27.74 -0.96 7.71
N SER B 19 28.88 -1.01 8.37
CA SER B 19 29.44 -2.28 8.79
C SER B 19 28.55 -3.11 9.71
N GLY B 20 28.62 -4.42 9.54
CA GLY B 20 27.74 -5.36 10.21
C GLY B 20 26.30 -5.52 9.80
N VAL B 21 25.82 -4.85 8.74
CA VAL B 21 24.40 -4.98 8.38
C VAL B 21 24.05 -6.24 7.55
N GLY B 22 25.07 -6.95 7.09
CA GLY B 22 24.92 -8.20 6.34
C GLY B 22 24.98 -8.09 4.79
N LYS B 23 25.80 -7.19 4.27
CA LYS B 23 25.97 -7.01 2.80
C LYS B 23 26.65 -8.24 2.20
N THR B 24 27.72 -8.71 2.82
CA THR B 24 28.44 -9.88 2.30
C THR B 24 27.52 -11.08 2.39
N SER B 25 26.77 -11.18 3.49
CA SER B 25 25.81 -12.28 3.71
C SER B 25 24.66 -12.29 2.72
N LEU B 26 24.12 -11.13 2.40
CA LEU B 26 23.10 -11.06 1.37
C LEU B 26 23.66 -11.53 0.02
N MET B 27 24.88 -11.10 -0.30
CA MET B 27 25.56 -11.49 -1.55
C MET B 27 25.76 -12.97 -1.63
N HIS B 28 26.06 -13.61 -0.49
CA HIS B 28 26.27 -15.07 -0.49
C HIS B 28 24.95 -15.83 -0.55
N ARG B 29 23.95 -15.39 0.21
CA ARG B 29 22.63 -16.00 0.10
C ARG B 29 22.14 -15.99 -1.37
N TYR B 30 22.31 -14.87 -2.04
CA TYR B 30 21.79 -14.72 -3.40
C TYR B 30 22.53 -15.58 -4.40
N VAL B 31 23.84 -15.38 -4.51
CA VAL B 31 24.65 -16.10 -5.49
C VAL B 31 24.84 -17.58 -5.19
N ASN B 32 25.02 -17.92 -3.92
CA ASN B 32 25.45 -19.26 -3.55
C ASN B 32 24.45 -20.05 -2.73
N ASP B 33 23.34 -19.43 -2.29
CA ASP B 33 22.35 -20.09 -1.41
C ASP B 33 23.08 -20.69 -0.19
N LYS B 34 23.90 -19.87 0.48
CA LYS B 34 24.56 -20.22 1.73
C LYS B 34 24.71 -19.05 2.69
N TYR B 35 24.84 -19.38 3.98
CA TYR B 35 25.04 -18.40 5.02
C TYR B 35 25.94 -18.96 6.10
N SER B 36 26.87 -18.14 6.60
CA SER B 36 27.69 -18.47 7.76
C SER B 36 27.57 -17.33 8.74
N CYS B 37 28.03 -17.57 9.97
CA CYS B 37 28.18 -16.52 10.98
C CYS B 37 29.50 -15.73 10.85
N ALA B 41 34.77 -9.60 7.65
CA ALA B 41 34.91 -8.16 7.47
C ALA B 41 35.57 -7.82 6.13
N THR B 42 34.83 -7.15 5.26
CA THR B 42 35.18 -6.94 3.84
C THR B 42 36.03 -5.70 3.58
N ILE B 43 37.17 -5.90 2.90
CA ILE B 43 38.15 -4.83 2.68
C ILE B 43 38.10 -4.41 1.21
N GLY B 44 37.99 -3.09 0.98
CA GLY B 44 37.72 -2.54 -0.34
C GLY B 44 36.47 -3.11 -1.01
N ALA B 45 36.58 -3.35 -2.32
CA ALA B 45 35.47 -3.82 -3.14
C ALA B 45 35.86 -5.07 -3.92
N ASP B 46 34.91 -6.00 -4.02
CA ASP B 46 35.08 -7.23 -4.80
C ASP B 46 33.72 -7.63 -5.34
N PHE B 47 33.70 -8.57 -6.26
CA PHE B 47 32.43 -8.98 -6.86
C PHE B 47 32.35 -10.46 -7.20
N LEU B 48 31.10 -10.91 -7.31
CA LEU B 48 30.72 -12.25 -7.72
C LEU B 48 29.64 -12.21 -8.80
N THR B 49 29.42 -13.33 -9.46
CA THR B 49 28.53 -13.36 -10.62
C THR B 49 27.47 -14.41 -10.49
N LYS B 50 26.37 -14.16 -11.19
CA LYS B 50 25.29 -15.10 -11.24
C LYS B 50 24.52 -14.89 -12.53
N GLU B 51 24.44 -15.92 -13.36
CA GLU B 51 23.58 -15.86 -14.54
C GLU B 51 22.10 -15.82 -14.12
N VAL B 52 21.45 -14.70 -14.39
CA VAL B 52 20.02 -14.54 -14.14
C VAL B 52 19.20 -14.40 -15.42
N THR B 53 18.05 -15.07 -15.47
CA THR B 53 17.02 -14.66 -16.41
C THR B 53 16.09 -13.61 -15.75
N VAL B 54 15.96 -12.47 -16.40
CA VAL B 54 15.04 -11.43 -15.99
C VAL B 54 13.72 -11.53 -16.76
N ASP B 55 12.61 -11.46 -16.02
CA ASP B 55 11.26 -11.34 -16.60
C ASP B 55 10.91 -12.39 -17.68
N GLY B 56 11.60 -13.52 -17.66
CA GLY B 56 11.29 -14.64 -18.52
C GLY B 56 11.75 -14.59 -19.96
N ASP B 57 12.34 -13.48 -20.42
CA ASP B 57 12.75 -13.41 -21.85
C ASP B 57 14.20 -13.01 -22.10
N LYS B 58 14.92 -12.63 -21.04
CA LYS B 58 16.24 -12.02 -21.17
C LYS B 58 17.22 -12.62 -20.16
N VAL B 59 18.32 -13.18 -20.69
CA VAL B 59 19.40 -13.71 -19.87
C VAL B 59 20.41 -12.56 -19.62
N ALA B 60 21.20 -12.72 -18.53
CA ALA B 60 22.24 -11.71 -18.21
C ALA B 60 23.10 -12.14 -17.05
N THR B 61 24.26 -11.50 -16.94
CA THR B 61 25.17 -11.80 -15.85
C THR B 61 25.10 -10.67 -14.85
N MET B 62 24.45 -10.91 -13.72
CA MET B 62 24.50 -9.96 -12.62
C MET B 62 25.88 -10.03 -11.97
N GLN B 63 26.59 -8.91 -11.98
CA GLN B 63 27.86 -8.73 -11.30
C GLN B 63 27.66 -8.03 -9.97
N VAL B 64 27.75 -8.79 -8.88
CA VAL B 64 27.38 -8.32 -7.53
C VAL B 64 28.60 -7.77 -6.77
N TRP B 65 28.64 -6.46 -6.60
CA TRP B 65 29.77 -5.78 -5.97
C TRP B 65 29.53 -5.55 -4.49
N ASP B 66 30.24 -6.33 -3.67
CA ASP B 66 30.32 -6.16 -2.22
C ASP B 66 31.31 -5.04 -1.87
N THR B 67 31.19 -4.44 -0.69
CA THR B 67 32.00 -3.25 -0.35
C THR B 67 32.23 -3.16 1.14
N ALA B 68 33.27 -2.44 1.53
CA ALA B 68 33.54 -2.27 2.94
C ALA B 68 32.62 -1.20 3.50
N GLY B 69 32.04 -1.45 4.65
CA GLY B 69 31.29 -0.44 5.39
C GLY B 69 32.13 0.37 6.38
N GLN B 70 33.22 -0.20 6.91
CA GLN B 70 34.09 0.54 7.85
C GLN B 70 34.82 1.62 7.03
N GLU B 71 34.87 2.85 7.54
CA GLU B 71 35.68 3.91 6.93
C GLU B 71 37.19 3.53 6.85
N ARG B 72 37.68 2.77 7.84
CA ARG B 72 39.11 2.40 7.90
C ARG B 72 39.51 1.37 6.81
N PHE B 73 38.53 0.66 6.25
CA PHE B 73 38.78 -0.32 5.18
C PHE B 73 38.23 0.12 3.85
N GLN B 74 37.79 1.36 3.74
CA GLN B 74 37.17 1.82 2.48
C GLN B 74 38.20 1.74 1.38
N SER B 75 37.72 1.30 0.21
CA SER B 75 38.58 1.00 -0.90
C SER B 75 39.48 2.18 -1.16
N LEU B 76 38.86 3.34 -1.39
CA LEU B 76 39.56 4.61 -1.75
C LEU B 76 39.77 4.74 -3.28
N GLY B 77 39.46 3.68 -4.03
CA GLY B 77 39.37 3.73 -5.49
C GLY B 77 37.96 4.12 -5.89
N VAL B 78 37.86 5.04 -6.84
CA VAL B 78 36.59 5.61 -7.25
C VAL B 78 36.05 4.93 -8.52
N ALA B 79 36.92 4.24 -9.25
CA ALA B 79 36.57 3.67 -10.55
C ALA B 79 35.44 2.61 -10.50
N PHE B 80 35.27 1.88 -9.40
CA PHE B 80 34.23 0.82 -9.34
C PHE B 80 32.78 1.32 -9.37
N TYR B 81 32.49 2.49 -8.80
CA TYR B 81 31.17 3.11 -8.98
C TYR B 81 30.81 3.31 -10.48
N ARG B 82 31.81 3.59 -11.30
CA ARG B 82 31.56 3.85 -12.72
C ARG B 82 30.98 2.60 -13.39
N GLY B 83 30.06 2.82 -14.34
CA GLY B 83 29.45 1.74 -15.08
C GLY B 83 28.34 1.01 -14.35
N ALA B 84 27.92 1.53 -13.19
CA ALA B 84 26.96 0.84 -12.31
C ALA B 84 25.59 0.95 -12.94
N ASP B 85 24.83 -0.13 -12.89
CA ASP B 85 23.51 -0.16 -13.46
C ASP B 85 22.44 -0.11 -12.36
N CYS B 86 22.81 -0.46 -11.12
CA CYS B 86 21.92 -0.29 -9.97
C CYS B 86 22.70 -0.28 -8.62
N CYS B 87 22.20 0.46 -7.63
CA CYS B 87 22.85 0.57 -6.30
C CYS B 87 21.93 0.11 -5.21
N VAL B 88 22.48 -0.63 -4.24
CA VAL B 88 21.74 -1.34 -3.20
C VAL B 88 22.23 -0.92 -1.84
N LEU B 89 21.27 -0.40 -1.04
CA LEU B 89 21.53 0.37 0.13
C LEU B 89 20.95 -0.45 1.32
N VAL B 90 21.83 -1.04 2.08
CA VAL B 90 21.40 -1.94 3.08
C VAL B 90 21.52 -1.37 4.48
N TYR B 91 20.45 -1.51 5.30
CA TYR B 91 20.48 -1.26 6.77
C TYR B 91 20.12 -2.54 7.54
N ASP B 92 20.13 -2.46 8.87
CA ASP B 92 19.85 -3.56 9.75
C ASP B 92 18.69 -3.12 10.59
N VAL B 93 17.59 -3.86 10.55
CA VAL B 93 16.38 -3.40 11.30
C VAL B 93 16.66 -3.39 12.80
N THR B 94 17.83 -3.91 13.24
CA THR B 94 18.22 -3.95 14.68
C THR B 94 19.26 -2.89 15.10
N ASN B 95 19.56 -1.95 14.20
CA ASN B 95 20.60 -0.95 14.42
C ASN B 95 20.10 0.34 13.81
N ALA B 96 19.72 1.28 14.62
CA ALA B 96 19.08 2.50 14.15
C ALA B 96 20.06 3.33 13.30
N SER B 97 21.31 3.37 13.72
CA SER B 97 22.26 4.26 13.09
C SER B 97 22.53 3.82 11.66
N SER B 98 22.45 2.52 11.35
CA SER B 98 22.60 2.07 9.94
C SER B 98 21.46 2.50 9.06
N PHE B 99 20.30 2.75 9.67
CA PHE B 99 19.16 3.29 8.96
C PHE B 99 19.25 4.80 8.86
N GLU B 100 19.72 5.45 9.91
CA GLU B 100 19.92 6.89 9.85
C GLU B 100 20.91 7.17 8.72
N ASN B 101 21.91 6.30 8.58
CA ASN B 101 22.92 6.49 7.55
C ASN B 101 22.52 6.08 6.12
N ILE B 102 21.26 5.86 5.78
CA ILE B 102 20.97 5.38 4.41
C ILE B 102 21.26 6.50 3.40
N LYS B 103 20.74 7.69 3.66
CA LYS B 103 20.84 8.79 2.72
C LYS B 103 22.29 9.09 2.40
N SER B 104 23.16 8.96 3.39
CA SER B 104 24.54 9.31 3.19
C SER B 104 25.24 8.29 2.31
N TRP B 105 24.80 7.04 2.34
CA TRP B 105 25.34 6.04 1.37
C TRP B 105 24.87 6.31 -0.04
N ARG B 106 23.62 6.74 -0.20
CA ARG B 106 23.06 7.09 -1.51
C ARG B 106 23.84 8.25 -2.11
N ASP B 107 24.33 9.14 -1.24
CA ASP B 107 25.08 10.34 -1.62
C ASP B 107 26.55 10.07 -1.93
N GLU B 108 27.20 9.19 -1.17
CA GLU B 108 28.53 8.68 -1.54
C GLU B 108 28.50 8.14 -2.98
N PHE B 109 27.49 7.34 -3.28
CA PHE B 109 27.38 6.73 -4.57
C PHE B 109 27.24 7.78 -5.65
N LEU B 110 26.26 8.66 -5.51
CA LEU B 110 25.99 9.66 -6.55
C LEU B 110 27.20 10.52 -6.90
N VAL B 111 27.94 10.92 -5.88
CA VAL B 111 29.09 11.77 -6.02
C VAL B 111 30.15 11.06 -6.81
N HIS B 112 30.41 9.81 -6.49
CA HIS B 112 31.54 9.13 -7.13
C HIS B 112 31.19 8.35 -8.39
N ALA B 113 29.91 8.08 -8.62
CA ALA B 113 29.48 7.27 -9.78
C ALA B 113 29.41 8.03 -11.09
N ASN B 114 29.07 9.32 -11.03
CA ASN B 114 28.81 10.08 -12.25
C ASN B 114 27.76 9.36 -13.11
N VAL B 115 26.60 9.11 -12.51
CA VAL B 115 25.49 8.42 -13.18
C VAL B 115 24.81 9.33 -14.18
N ASN B 116 24.23 8.74 -15.22
CA ASN B 116 23.56 9.49 -16.31
C ASN B 116 22.47 10.46 -15.83
N SER B 117 21.51 9.90 -15.09
CA SER B 117 20.33 10.63 -14.64
C SER B 117 20.08 10.29 -13.16
N PRO B 118 20.65 11.10 -12.25
CA PRO B 118 20.57 10.93 -10.81
C PRO B 118 19.19 10.60 -10.25
N GLU B 119 18.19 11.43 -10.57
CA GLU B 119 16.84 11.31 -10.02
C GLU B 119 16.08 10.04 -10.46
N THR B 120 16.46 9.47 -11.62
CA THR B 120 15.88 8.17 -12.09
C THR B 120 16.79 6.94 -12.02
N PHE B 121 18.06 7.09 -11.66
CA PHE B 121 18.96 5.95 -11.56
C PHE B 121 18.52 4.99 -10.40
N PRO B 122 18.57 3.67 -10.65
CA PRO B 122 18.02 2.67 -9.75
C PRO B 122 18.68 2.47 -8.37
N PHE B 123 17.94 2.81 -7.32
CA PHE B 123 18.38 2.48 -5.95
C PHE B 123 17.33 1.50 -5.46
N VAL B 124 17.77 0.48 -4.72
CA VAL B 124 16.87 -0.38 -3.98
C VAL B 124 17.40 -0.40 -2.54
N ILE B 125 16.55 -0.23 -1.53
CA ILE B 125 16.94 -0.36 -0.07
C ILE B 125 16.56 -1.71 0.51
N LEU B 126 17.49 -2.35 1.19
CA LEU B 126 17.18 -3.59 1.93
C LEU B 126 17.26 -3.29 3.38
N GLY B 127 16.20 -3.67 4.09
CA GLY B 127 16.19 -3.69 5.54
C GLY B 127 16.42 -5.12 5.99
N ASN B 128 17.56 -5.42 6.67
CA ASN B 128 18.01 -6.80 6.86
C ASN B 128 18.00 -7.22 8.32
N LYS B 129 18.05 -8.53 8.57
CA LYS B 129 17.93 -9.15 9.89
C LYS B 129 16.46 -9.17 10.33
N ILE B 130 15.58 -9.38 9.37
CA ILE B 130 14.16 -9.46 9.68
C ILE B 130 13.87 -10.71 10.55
N ASP B 131 14.75 -11.74 10.51
CA ASP B 131 14.62 -12.91 11.47
C ASP B 131 14.79 -12.57 12.93
N ALA B 132 15.29 -11.38 13.22
CA ALA B 132 15.55 -10.96 14.60
C ALA B 132 14.30 -11.14 15.45
N GLU B 133 14.52 -11.44 16.72
CA GLU B 133 13.49 -11.33 17.75
C GLU B 133 12.98 -9.89 17.80
N GLU B 134 11.70 -9.73 18.10
CA GLU B 134 11.04 -8.42 18.04
C GLU B 134 11.57 -7.43 19.07
N SER B 135 12.03 -7.95 20.21
CA SER B 135 12.67 -7.15 21.24
C SER B 135 13.81 -6.30 20.67
N LYS B 136 14.57 -6.94 19.76
CA LYS B 136 15.77 -6.35 19.16
C LYS B 136 15.53 -5.42 17.95
N LYS B 137 14.33 -5.46 17.36
CA LYS B 137 14.03 -4.65 16.15
C LYS B 137 13.77 -3.17 16.47
N ILE B 138 14.54 -2.27 15.89
CA ILE B 138 14.49 -0.85 16.23
C ILE B 138 13.80 0.01 15.13
N VAL B 139 14.00 -0.33 13.88
CA VAL B 139 13.46 0.49 12.79
C VAL B 139 12.11 -0.03 12.37
N SER B 140 11.13 0.89 12.32
CA SER B 140 9.79 0.52 11.93
C SER B 140 9.71 0.38 10.42
N GLU B 141 8.98 -0.60 9.92
CA GLU B 141 8.67 -0.65 8.51
C GLU B 141 8.15 0.69 8.04
N LYS B 142 7.24 1.30 8.79
CA LYS B 142 6.63 2.59 8.44
C LYS B 142 7.68 3.69 8.22
N SER B 143 8.63 3.78 9.13
CA SER B 143 9.73 4.74 9.03
C SER B 143 10.53 4.44 7.77
N ALA B 144 10.77 3.17 7.51
CA ALA B 144 11.51 2.76 6.35
C ALA B 144 10.78 3.16 5.09
N GLN B 145 9.47 2.99 5.08
CA GLN B 145 8.71 3.29 3.88
C GLN B 145 8.77 4.80 3.61
N GLU B 146 8.68 5.60 4.66
CA GLU B 146 8.75 7.05 4.50
C GLU B 146 10.13 7.48 4.00
N LEU B 147 11.17 6.77 4.40
CA LEU B 147 12.50 7.06 3.88
C LEU B 147 12.52 6.72 2.39
N ALA B 148 12.13 5.49 2.02
CA ALA B 148 12.10 5.08 0.62
C ALA B 148 11.40 6.07 -0.33
N LYS B 149 10.33 6.68 0.15
CA LYS B 149 9.59 7.69 -0.63
C LYS B 149 10.43 8.97 -0.80
N SER B 150 10.89 9.54 0.32
CA SER B 150 11.62 10.81 0.30
C SER B 150 12.81 10.81 -0.64
N LEU B 151 13.48 9.65 -0.77
CA LEU B 151 14.65 9.49 -1.66
C LEU B 151 14.30 9.25 -3.15
N GLY B 152 13.03 9.48 -3.51
CA GLY B 152 12.56 9.36 -4.89
C GLY B 152 11.73 8.11 -5.13
N ASP B 153 11.02 7.64 -4.10
CA ASP B 153 10.11 6.51 -4.22
C ASP B 153 10.84 5.19 -4.48
N ILE B 154 11.94 4.94 -3.77
CA ILE B 154 12.75 3.75 -4.01
C ILE B 154 12.05 2.48 -3.49
N PRO B 155 12.30 1.32 -4.13
CA PRO B 155 11.71 0.10 -3.59
C PRO B 155 12.37 -0.33 -2.27
N LEU B 156 11.57 -0.89 -1.38
CA LEU B 156 12.06 -1.36 -0.11
C LEU B 156 11.74 -2.82 0.04
N PHE B 157 12.75 -3.59 0.40
CA PHE B 157 12.61 -4.98 0.72
C PHE B 157 13.14 -5.25 2.13
N LEU B 158 12.33 -5.97 2.92
CA LEU B 158 12.75 -6.47 4.23
C LEU B 158 13.23 -7.88 3.98
N THR B 159 14.44 -8.21 4.46
CA THR B 159 15.12 -9.44 4.13
C THR B 159 15.83 -10.09 5.32
N SER B 160 16.06 -11.41 5.21
CA SER B 160 16.95 -12.13 6.09
C SER B 160 17.85 -13.02 5.28
N ALA B 161 19.12 -12.65 5.17
CA ALA B 161 20.14 -13.51 4.54
C ALA B 161 20.22 -14.82 5.27
N LYS B 162 19.96 -14.79 6.57
CA LYS B 162 20.21 -15.97 7.40
C LYS B 162 19.19 -17.03 7.04
N ASN B 163 17.92 -16.64 7.09
CA ASN B 163 16.81 -17.56 6.90
C ASN B 163 16.30 -17.63 5.44
N ALA B 164 16.99 -17.04 4.48
CA ALA B 164 16.47 -17.02 3.09
C ALA B 164 15.06 -16.43 3.01
N ILE B 165 14.88 -15.25 3.57
CA ILE B 165 13.60 -14.62 3.53
C ILE B 165 13.70 -13.46 2.57
N ASN B 166 13.06 -13.57 1.40
CA ASN B 166 12.88 -12.41 0.54
C ASN B 166 14.12 -11.83 -0.14
N VAL B 167 15.26 -12.51 -0.02
CA VAL B 167 16.46 -12.07 -0.71
C VAL B 167 16.26 -12.33 -2.21
N ASP B 168 15.65 -13.45 -2.55
CA ASP B 168 15.26 -13.70 -3.92
C ASP B 168 14.32 -12.60 -4.53
N THR B 169 13.24 -12.20 -3.84
CA THR B 169 12.31 -11.19 -4.36
C THR B 169 13.04 -9.82 -4.49
N ALA B 170 13.81 -9.47 -3.48
CA ALA B 170 14.66 -8.25 -3.57
C ALA B 170 15.57 -8.27 -4.83
N PHE B 171 16.25 -9.37 -5.11
CA PHE B 171 17.12 -9.35 -6.28
C PHE B 171 16.40 -9.45 -7.62
N GLU B 172 15.20 -10.01 -7.66
CA GLU B 172 14.45 -9.96 -8.86
C GLU B 172 14.23 -8.50 -9.30
N GLU B 173 13.92 -7.62 -8.36
CA GLU B 173 13.76 -6.21 -8.66
C GLU B 173 15.08 -5.53 -9.03
N ILE B 174 16.10 -5.79 -8.22
CA ILE B 174 17.41 -5.23 -8.47
C ILE B 174 17.89 -5.63 -9.88
N ALA B 175 17.73 -6.89 -10.21
CA ALA B 175 18.03 -7.38 -11.53
C ALA B 175 17.23 -6.69 -12.63
N ARG B 176 15.92 -6.60 -12.51
CA ARG B 176 15.17 -6.02 -13.63
C ARG B 176 15.48 -4.53 -13.76
N SER B 177 15.59 -3.83 -12.63
CA SER B 177 15.87 -2.40 -12.63
C SER B 177 17.32 -2.11 -13.07
N ALA B 178 18.28 -2.92 -12.63
CA ALA B 178 19.62 -2.91 -13.28
C ALA B 178 19.53 -3.03 -14.86
N LEU B 179 18.75 -3.99 -15.37
CA LEU B 179 18.77 -4.32 -16.80
C LEU B 179 18.22 -3.13 -17.59
N GLN B 180 17.00 -2.73 -17.26
CA GLN B 180 16.36 -1.54 -17.86
C GLN B 180 17.18 -0.23 -17.68
N GLN B 181 18.25 -0.31 -16.92
CA GLN B 181 19.19 0.79 -16.76
C GLN B 181 20.39 0.55 -17.61
N ASN B 182 20.76 -0.72 -17.82
CA ASN B 182 21.82 -1.05 -18.80
C ASN B 182 21.42 -0.84 -20.26
N GLN B 183 20.25 -1.39 -20.66
CA GLN B 183 19.77 -1.23 -22.08
C GLN B 183 19.47 0.25 -22.36
N ALA B 184 18.66 0.88 -21.50
CA ALA B 184 18.38 2.32 -21.61
C ALA B 184 19.68 3.19 -21.55
N ILE C 10 -5.28 15.18 -41.88
CA ILE C 10 -4.30 15.27 -40.76
C ILE C 10 -4.76 16.26 -39.68
N LEU C 11 -5.22 15.76 -38.54
CA LEU C 11 -5.61 16.62 -37.43
C LEU C 11 -4.44 16.71 -36.44
N LYS C 12 -3.96 17.93 -36.21
CA LYS C 12 -2.84 18.20 -35.31
C LYS C 12 -3.41 18.53 -33.93
N VAL C 13 -3.00 17.76 -32.93
CA VAL C 13 -3.55 17.86 -31.58
C VAL C 13 -2.40 17.86 -30.56
N ILE C 14 -2.48 18.76 -29.58
CA ILE C 14 -1.39 18.98 -28.66
C ILE C 14 -1.83 18.71 -27.25
N ILE C 15 -1.10 17.84 -26.57
CA ILE C 15 -1.38 17.55 -25.18
C ILE C 15 -0.38 18.22 -24.27
N LEU C 16 -0.90 19.06 -23.39
CA LEU C 16 -0.12 19.88 -22.49
C LEU C 16 -0.60 19.65 -21.10
N GLY C 17 0.35 19.73 -20.17
CA GLY C 17 0.05 19.66 -18.74
C GLY C 17 1.31 19.41 -17.95
N ASP C 18 1.21 19.51 -16.62
CA ASP C 18 2.36 19.28 -15.73
C ASP C 18 2.95 17.89 -15.89
N SER C 19 4.13 17.71 -15.33
CA SER C 19 4.74 16.41 -15.21
C SER C 19 3.92 15.55 -14.27
N GLY C 20 3.70 14.28 -14.63
CA GLY C 20 3.12 13.27 -13.74
C GLY C 20 1.63 13.00 -13.95
N VAL C 21 0.97 13.91 -14.65
CA VAL C 21 -0.46 13.86 -14.81
C VAL C 21 -1.00 12.69 -15.61
N GLY C 22 -0.21 12.26 -16.60
CA GLY C 22 -0.50 11.07 -17.41
C GLY C 22 -0.71 11.33 -18.90
N LYS C 23 -0.08 12.39 -19.40
CA LYS C 23 -0.20 12.75 -20.82
C LYS C 23 0.24 11.58 -21.70
N THR C 24 1.38 10.99 -21.36
CA THR C 24 1.91 9.91 -22.17
C THR C 24 0.97 8.68 -22.05
N SER C 25 0.63 8.29 -20.82
CA SER C 25 -0.27 7.17 -20.58
C SER C 25 -1.63 7.34 -21.27
N LEU C 26 -2.13 8.58 -21.31
CA LEU C 26 -3.38 8.83 -22.04
C LEU C 26 -3.22 8.64 -23.52
N MET C 27 -2.09 9.03 -24.07
CA MET C 27 -1.86 8.92 -25.51
C MET C 27 -1.73 7.44 -25.85
N HIS C 28 -1.06 6.65 -25.02
CA HIS C 28 -0.90 5.22 -25.34
C HIS C 28 -2.23 4.56 -25.29
N ARG C 29 -2.97 4.80 -24.20
CA ARG C 29 -4.29 4.22 -24.02
C ARG C 29 -5.11 4.47 -25.26
N TYR C 30 -5.13 5.71 -25.67
CA TYR C 30 -5.91 6.05 -26.82
C TYR C 30 -5.42 5.29 -28.03
N VAL C 31 -4.12 5.44 -28.37
CA VAL C 31 -3.56 4.90 -29.65
C VAL C 31 -3.33 3.39 -29.67
N ASN C 32 -2.71 2.84 -28.65
CA ASN C 32 -2.42 1.40 -28.59
C ASN C 32 -3.39 0.54 -27.80
N ASP C 33 -4.33 1.17 -27.11
CA ASP C 33 -5.11 0.50 -26.08
C ASP C 33 -4.26 -0.32 -25.09
N LYS C 34 -3.19 0.31 -24.63
CA LYS C 34 -2.23 -0.28 -23.72
C LYS C 34 -1.93 0.69 -22.57
N TYR C 35 -1.38 0.14 -21.49
CA TYR C 35 -1.00 0.93 -20.34
C TYR C 35 0.03 0.21 -19.51
N SER C 36 1.08 0.93 -19.07
CA SER C 36 2.01 0.36 -18.07
C SER C 36 2.22 1.30 -16.88
N CYS C 37 2.49 0.71 -15.71
CA CYS C 37 2.76 1.46 -14.48
C CYS C 37 3.98 2.37 -14.48
N GLN C 38 5.13 1.83 -14.92
CA GLN C 38 6.43 2.55 -15.02
C GLN C 38 6.42 3.93 -15.68
N TYR C 39 7.11 4.89 -15.07
CA TYR C 39 7.22 6.29 -15.58
C TYR C 39 8.48 6.51 -16.45
N LYS C 40 8.31 6.84 -17.74
CA LYS C 40 9.44 7.35 -18.55
C LYS C 40 9.13 8.79 -18.94
N ALA C 41 9.90 9.73 -18.38
CA ALA C 41 9.63 11.15 -18.58
C ALA C 41 9.73 11.55 -20.06
N THR C 42 8.72 12.27 -20.55
CA THR C 42 8.72 12.69 -21.93
C THR C 42 9.79 13.75 -22.15
N ILE C 43 10.63 13.50 -23.15
CA ILE C 43 11.70 14.40 -23.55
C ILE C 43 11.29 14.96 -24.91
N GLY C 44 11.20 16.27 -25.02
CA GLY C 44 10.80 16.88 -26.27
C GLY C 44 9.33 16.68 -26.60
N ALA C 45 9.00 16.84 -27.88
CA ALA C 45 7.63 16.94 -28.33
C ALA C 45 7.38 15.97 -29.49
N ASP C 46 7.20 14.70 -29.16
CA ASP C 46 7.05 13.65 -30.17
C ASP C 46 5.60 13.44 -30.64
N PHE C 47 5.42 12.43 -31.48
CA PHE C 47 4.29 12.33 -32.38
C PHE C 47 3.84 10.88 -32.44
N LEU C 48 2.54 10.64 -32.26
CA LEU C 48 1.95 9.33 -32.56
C LEU C 48 0.71 9.57 -33.42
N THR C 49 0.26 8.56 -34.15
CA THR C 49 -0.86 8.75 -35.06
C THR C 49 -1.92 7.67 -34.92
N LYS C 50 -3.17 8.02 -35.21
CA LYS C 50 -4.26 7.06 -35.22
C LYS C 50 -5.35 7.46 -36.20
N GLU C 51 -5.65 6.57 -37.14
CA GLU C 51 -6.75 6.80 -38.06
C GLU C 51 -8.07 6.82 -37.28
N VAL C 52 -9.01 7.59 -37.80
CA VAL C 52 -10.37 7.60 -37.28
C VAL C 52 -11.28 8.31 -38.27
N VAL C 59 -13.29 10.50 -41.04
CA VAL C 59 -12.13 9.63 -41.30
C VAL C 59 -10.88 10.40 -41.76
N ALA C 60 -10.04 10.79 -40.80
CA ALA C 60 -8.72 11.36 -41.08
C ALA C 60 -7.69 10.81 -40.10
N THR C 61 -6.41 11.06 -40.37
CA THR C 61 -5.31 10.58 -39.54
C THR C 61 -5.07 11.57 -38.40
N MET C 62 -5.34 11.18 -37.16
CA MET C 62 -5.11 12.12 -36.06
C MET C 62 -3.64 12.10 -35.62
N GLN C 63 -3.07 13.30 -35.53
CA GLN C 63 -1.68 13.48 -35.17
C GLN C 63 -1.55 13.84 -33.68
N VAL C 64 -1.12 12.89 -32.85
CA VAL C 64 -1.15 13.07 -31.37
C VAL C 64 0.19 13.46 -30.72
N TRP C 65 0.36 14.76 -30.47
CA TRP C 65 1.61 15.28 -29.91
C TRP C 65 1.63 15.29 -28.40
N ASP C 66 2.54 14.46 -27.87
CA ASP C 66 2.90 14.41 -26.47
C ASP C 66 3.98 15.48 -26.28
N THR C 67 4.03 16.10 -25.09
CA THR C 67 5.04 17.11 -24.75
C THR C 67 5.69 16.82 -23.40
N ALA C 68 6.86 17.41 -23.17
CA ALA C 68 7.54 17.34 -21.87
C ALA C 68 6.83 18.25 -20.88
N GLY C 69 6.51 17.71 -19.71
CA GLY C 69 5.88 18.51 -18.66
C GLY C 69 6.91 19.28 -17.84
N GLN C 70 8.12 18.75 -17.74
CA GLN C 70 9.08 19.34 -16.83
C GLN C 70 9.68 20.60 -17.40
N GLU C 71 10.07 21.51 -16.50
CA GLU C 71 10.73 22.77 -16.84
C GLU C 71 11.91 22.55 -17.81
N ARG C 72 12.76 21.60 -17.46
CA ARG C 72 13.73 21.05 -18.37
C ARG C 72 12.95 20.20 -19.39
N PHE C 73 13.65 19.55 -20.30
CA PHE C 73 13.04 18.67 -21.29
C PHE C 73 12.09 19.34 -22.28
N GLN C 74 11.81 20.64 -22.12
CA GLN C 74 11.12 21.40 -23.16
C GLN C 74 12.12 21.89 -24.22
N SER C 75 11.87 21.51 -25.47
CA SER C 75 12.73 21.94 -26.58
C SER C 75 12.89 23.46 -26.57
N LEU C 76 11.77 24.15 -26.36
CA LEU C 76 11.71 25.62 -26.54
C LEU C 76 11.90 26.02 -28.03
N GLY C 77 11.78 25.04 -28.91
CA GLY C 77 11.20 25.27 -30.23
C GLY C 77 9.73 25.53 -29.96
N VAL C 78 9.17 26.52 -30.64
CA VAL C 78 7.76 26.84 -30.44
C VAL C 78 7.00 26.49 -31.73
N ALA C 79 7.70 25.88 -32.67
CA ALA C 79 7.17 25.63 -34.01
C ALA C 79 5.99 24.65 -34.01
N PHE C 80 6.11 23.54 -33.30
CA PHE C 80 5.05 22.51 -33.32
C PHE C 80 3.68 23.05 -32.94
N TYR C 81 3.65 24.05 -32.06
CA TYR C 81 2.40 24.74 -31.73
C TYR C 81 1.65 25.24 -32.99
N ARG C 82 2.37 25.71 -34.00
CA ARG C 82 1.73 26.29 -35.20
C ARG C 82 0.94 25.24 -36.00
N GLY C 83 -0.28 25.61 -36.42
CA GLY C 83 -1.15 24.76 -37.24
C GLY C 83 -2.05 23.77 -36.49
N ALA C 84 -1.99 23.77 -35.16
CA ALA C 84 -2.71 22.77 -34.37
C ALA C 84 -4.22 22.99 -34.42
N ASP C 85 -4.97 21.91 -34.56
CA ASP C 85 -6.41 22.02 -34.67
C ASP C 85 -7.11 21.89 -33.30
N CYS C 86 -6.38 21.43 -32.27
CA CYS C 86 -6.93 21.35 -30.88
C CYS C 86 -5.83 21.23 -29.80
N CYS C 87 -6.07 21.83 -28.63
CA CYS C 87 -5.13 21.69 -27.53
C CYS C 87 -5.77 21.07 -26.27
N VAL C 88 -5.11 20.06 -25.71
CA VAL C 88 -5.66 19.21 -24.68
C VAL C 88 -4.84 19.53 -23.43
N LEU C 89 -5.51 19.80 -22.31
CA LEU C 89 -4.90 20.31 -21.08
C LEU C 89 -5.19 19.30 -19.97
N VAL C 90 -4.15 18.71 -19.39
CA VAL C 90 -4.35 17.60 -18.49
C VAL C 90 -3.85 17.91 -17.11
N TYR C 91 -4.67 17.62 -16.09
CA TYR C 91 -4.26 17.62 -14.72
C TYR C 91 -4.56 16.25 -14.09
N ASP C 92 -3.94 16.01 -12.94
CA ASP C 92 -4.12 14.81 -12.14
C ASP C 92 -5.06 15.16 -10.98
N VAL C 93 -6.18 14.44 -10.85
CA VAL C 93 -7.15 14.69 -9.74
C VAL C 93 -6.54 14.52 -8.36
N THR C 94 -5.35 13.92 -8.27
CA THR C 94 -4.70 13.74 -6.96
C THR C 94 -3.66 14.83 -6.65
N ASN C 95 -3.51 15.76 -7.58
CA ASN C 95 -2.51 16.79 -7.48
C ASN C 95 -3.05 18.20 -7.75
N ALA C 96 -3.20 18.95 -6.66
CA ALA C 96 -3.74 20.31 -6.68
C ALA C 96 -2.98 21.24 -7.60
N SER C 97 -1.67 21.34 -7.39
CA SER C 97 -0.85 22.24 -8.20
C SER C 97 -1.13 22.02 -9.70
N SER C 98 -1.19 20.76 -10.12
CA SER C 98 -1.32 20.48 -11.56
C SER C 98 -2.63 21.08 -12.05
N PHE C 99 -3.60 21.14 -11.16
CA PHE C 99 -4.86 21.76 -11.48
C PHE C 99 -4.74 23.30 -11.47
N GLU C 100 -4.04 23.85 -10.48
CA GLU C 100 -3.77 25.29 -10.46
C GLU C 100 -3.16 25.76 -11.80
N ASN C 101 -2.25 24.98 -12.37
CA ASN C 101 -1.53 25.38 -13.58
C ASN C 101 -2.27 25.28 -14.89
N ILE C 102 -3.51 24.86 -14.88
CA ILE C 102 -4.16 24.52 -16.15
C ILE C 102 -4.23 25.78 -17.01
N LYS C 103 -4.55 26.92 -16.41
CA LYS C 103 -4.72 28.19 -17.16
C LYS C 103 -3.37 28.67 -17.70
N SER C 104 -2.31 28.53 -16.92
CA SER C 104 -0.98 28.80 -17.46
C SER C 104 -0.66 27.99 -18.75
N TRP C 105 -1.03 26.70 -18.79
CA TRP C 105 -0.81 25.90 -19.98
C TRP C 105 -1.65 26.36 -21.13
N ARG C 106 -2.84 26.89 -20.86
CA ARG C 106 -3.66 27.41 -21.94
C ARG C 106 -3.05 28.68 -22.51
N ASP C 107 -2.53 29.52 -21.62
CA ASP C 107 -1.85 30.77 -21.97
C ASP C 107 -0.59 30.53 -22.82
N GLU C 108 0.21 29.54 -22.42
CA GLU C 108 1.38 29.07 -23.21
C GLU C 108 1.00 28.73 -24.64
N PHE C 109 -0.09 28.00 -24.79
CA PHE C 109 -0.44 27.61 -26.15
C PHE C 109 -0.80 28.86 -26.96
N LEU C 110 -1.71 29.68 -26.44
CA LEU C 110 -2.17 30.87 -27.16
C LEU C 110 -1.04 31.86 -27.41
N VAL C 111 -0.04 31.88 -26.54
CA VAL C 111 1.12 32.72 -26.79
C VAL C 111 1.75 32.32 -28.13
N HIS C 112 2.05 31.04 -28.29
CA HIS C 112 2.96 30.60 -29.36
C HIS C 112 2.32 30.04 -30.59
N ALA C 113 1.01 29.82 -30.56
CA ALA C 113 0.32 29.08 -31.63
C ALA C 113 -0.15 29.95 -32.77
N ASN C 114 -0.36 31.24 -32.52
CA ASN C 114 -0.78 32.15 -33.57
C ASN C 114 -2.12 31.73 -34.17
N VAL C 115 -3.14 31.64 -33.33
CA VAL C 115 -4.46 31.18 -33.77
C VAL C 115 -5.29 32.34 -34.30
N ASN C 116 -6.27 32.01 -35.10
CA ASN C 116 -7.13 33.01 -35.70
C ASN C 116 -8.19 33.56 -34.73
N SER C 117 -8.82 32.67 -33.97
CA SER C 117 -9.89 33.06 -33.05
C SER C 117 -9.77 32.33 -31.71
N PRO C 118 -9.09 32.97 -30.73
CA PRO C 118 -8.72 32.35 -29.47
C PRO C 118 -9.89 32.26 -28.50
N GLU C 119 -10.84 33.18 -28.62
CA GLU C 119 -12.09 33.11 -27.87
C GLU C 119 -12.90 31.85 -28.25
N THR C 120 -12.71 31.36 -29.48
CA THR C 120 -13.51 30.25 -30.05
C THR C 120 -12.74 28.93 -30.29
N PHE C 121 -11.41 28.99 -30.25
CA PHE C 121 -10.52 27.87 -30.62
C PHE C 121 -10.71 26.69 -29.66
N PRO C 122 -10.73 25.46 -30.17
CA PRO C 122 -11.18 24.41 -29.29
C PRO C 122 -10.04 23.85 -28.41
N PHE C 123 -10.22 23.99 -27.08
CA PHE C 123 -9.35 23.39 -26.07
C PHE C 123 -10.14 22.30 -25.35
N VAL C 124 -9.48 21.24 -24.84
CA VAL C 124 -10.15 20.25 -23.98
C VAL C 124 -9.37 20.02 -22.68
N ILE C 125 -10.07 19.96 -21.53
CA ILE C 125 -9.42 19.65 -20.23
C ILE C 125 -9.66 18.22 -19.70
N LEU C 126 -8.61 17.47 -19.39
CA LEU C 126 -8.81 16.14 -18.83
C LEU C 126 -8.38 16.12 -17.39
N GLY C 127 -9.22 15.58 -16.52
CA GLY C 127 -8.80 15.28 -15.13
C GLY C 127 -8.49 13.79 -15.01
N ASN C 128 -7.22 13.42 -14.96
CA ASN C 128 -6.82 12.01 -15.04
C ASN C 128 -6.61 11.39 -13.66
N LYS C 129 -6.45 10.07 -13.66
CA LYS C 129 -6.25 9.28 -12.46
C LYS C 129 -7.51 9.20 -11.54
N ILE C 130 -8.68 9.16 -12.15
CA ILE C 130 -9.93 9.11 -11.37
C ILE C 130 -10.08 7.73 -10.69
N ASP C 131 -9.34 6.74 -11.17
CA ASP C 131 -9.30 5.43 -10.49
C ASP C 131 -8.59 5.36 -9.12
N ALA C 132 -7.88 6.40 -8.73
CA ALA C 132 -7.20 6.40 -7.42
C ALA C 132 -8.19 6.36 -6.24
N GLU C 133 -7.70 5.97 -5.05
CA GLU C 133 -8.52 5.95 -3.78
C GLU C 133 -9.14 7.33 -3.52
N GLU C 134 -10.37 7.39 -3.01
CA GLU C 134 -11.03 8.68 -2.72
C GLU C 134 -10.21 9.58 -1.80
N SER C 135 -9.50 8.97 -0.83
CA SER C 135 -8.67 9.71 0.11
C SER C 135 -7.44 10.39 -0.49
N LYS C 136 -7.14 10.09 -1.76
CA LYS C 136 -6.05 10.74 -2.48
C LYS C 136 -6.57 11.71 -3.57
N LYS C 137 -7.80 11.52 -4.01
CA LYS C 137 -8.43 12.43 -4.94
C LYS C 137 -8.75 13.71 -4.21
N ILE C 138 -8.06 14.79 -4.56
CA ILE C 138 -8.21 16.07 -3.82
C ILE C 138 -8.75 17.26 -4.61
N VAL C 139 -8.74 17.22 -5.94
CA VAL C 139 -9.47 18.21 -6.75
C VAL C 139 -10.92 17.79 -6.92
N SER C 140 -11.85 18.65 -6.55
CA SER C 140 -13.29 18.32 -6.75
C SER C 140 -13.69 18.52 -8.21
N GLU C 141 -14.64 17.73 -8.69
CA GLU C 141 -15.29 17.95 -10.00
C GLU C 141 -15.96 19.36 -10.10
N LYS C 142 -16.44 19.88 -8.98
CA LYS C 142 -17.09 21.18 -9.00
C LYS C 142 -16.07 22.22 -9.41
N SER C 143 -14.87 22.15 -8.82
CA SER C 143 -13.78 23.13 -9.13
C SER C 143 -13.48 23.14 -10.60
N ALA C 144 -13.21 21.94 -11.08
CA ALA C 144 -12.82 21.76 -12.43
C ALA C 144 -13.89 22.25 -13.40
N GLN C 145 -15.14 21.92 -13.19
CA GLN C 145 -16.19 22.42 -14.08
C GLN C 145 -16.25 23.96 -14.03
N GLU C 146 -16.11 24.51 -12.82
CA GLU C 146 -16.16 25.96 -12.60
C GLU C 146 -14.96 26.63 -13.24
N LEU C 147 -13.78 26.00 -13.21
CA LEU C 147 -12.63 26.47 -13.99
C LEU C 147 -12.87 26.31 -15.49
N ALA C 148 -13.58 25.27 -15.88
CA ALA C 148 -13.69 24.99 -17.30
C ALA C 148 -14.61 26.05 -17.93
N LYS C 149 -15.59 26.53 -17.17
CA LYS C 149 -16.48 27.56 -17.66
C LYS C 149 -15.70 28.86 -17.83
N SER C 150 -14.85 29.18 -16.84
CA SER C 150 -14.22 30.50 -16.80
C SER C 150 -13.21 30.64 -17.94
N LEU C 151 -12.69 29.54 -18.47
CA LEU C 151 -11.83 29.62 -19.67
C LEU C 151 -12.62 29.52 -20.99
N GLY C 152 -13.91 29.81 -20.95
CA GLY C 152 -14.72 29.84 -22.16
C GLY C 152 -15.54 28.57 -22.36
N ASP C 153 -16.02 27.98 -21.30
CA ASP C 153 -16.82 26.74 -21.39
C ASP C 153 -16.16 25.58 -22.18
N ILE C 154 -14.87 25.39 -21.93
CA ILE C 154 -14.10 24.27 -22.46
C ILE C 154 -14.75 22.94 -22.06
N PRO C 155 -14.70 21.91 -22.93
CA PRO C 155 -15.15 20.59 -22.44
C PRO C 155 -14.25 20.03 -21.33
N LEU C 156 -14.87 19.40 -20.31
CA LEU C 156 -14.12 18.74 -19.24
C LEU C 156 -14.45 17.25 -19.23
N PHE C 157 -13.44 16.40 -19.26
CA PHE C 157 -13.64 14.96 -19.10
C PHE C 157 -12.75 14.46 -17.95
N LEU C 158 -13.27 13.59 -17.09
CA LEU C 158 -12.51 12.97 -16.03
C LEU C 158 -12.22 11.55 -16.46
N THR C 159 -10.94 11.16 -16.38
CA THR C 159 -10.43 10.01 -17.12
C THR C 159 -9.47 9.17 -16.33
N SER C 160 -9.35 7.91 -16.70
CA SER C 160 -8.31 7.07 -16.16
C SER C 160 -7.68 6.33 -17.30
N ALA C 161 -6.44 6.67 -17.62
CA ALA C 161 -5.71 5.92 -18.66
C ALA C 161 -5.49 4.46 -18.17
N LYS C 162 -5.21 4.29 -16.88
CA LYS C 162 -4.98 2.97 -16.27
C LYS C 162 -6.11 2.00 -16.56
N ASN C 163 -7.31 2.37 -16.11
CA ASN C 163 -8.48 1.51 -16.20
C ASN C 163 -9.36 1.75 -17.42
N ALA C 164 -8.88 2.49 -18.41
CA ALA C 164 -9.65 2.73 -19.60
C ALA C 164 -11.01 3.32 -19.26
N ILE C 165 -11.00 4.39 -18.46
CA ILE C 165 -12.22 5.15 -18.14
C ILE C 165 -12.29 6.45 -18.87
N ASN C 166 -13.22 6.56 -19.82
CA ASN C 166 -13.50 7.84 -20.45
C ASN C 166 -12.46 8.47 -21.34
N VAL C 167 -11.43 7.71 -21.65
CA VAL C 167 -10.41 8.18 -22.59
C VAL C 167 -10.93 8.14 -24.01
N ASP C 168 -11.67 7.10 -24.37
CA ASP C 168 -12.39 7.06 -25.64
C ASP C 168 -13.33 8.27 -25.85
N THR C 169 -14.12 8.62 -24.82
CA THR C 169 -15.05 9.75 -24.90
C THR C 169 -14.31 11.07 -25.02
N ALA C 170 -13.33 11.28 -24.14
CA ALA C 170 -12.49 12.47 -24.27
C ALA C 170 -12.05 12.64 -25.72
N PHE C 171 -11.46 11.59 -26.30
CA PHE C 171 -10.78 11.72 -27.56
C PHE C 171 -11.74 11.78 -28.71
N GLU C 172 -12.98 11.35 -28.53
CA GLU C 172 -13.99 11.57 -29.56
C GLU C 172 -14.28 13.05 -29.69
N GLU C 173 -14.36 13.75 -28.55
CA GLU C 173 -14.67 15.17 -28.54
C GLU C 173 -13.47 15.97 -29.03
N ILE C 174 -12.25 15.60 -28.61
CA ILE C 174 -11.04 16.17 -29.18
C ILE C 174 -11.05 16.07 -30.71
N ALA C 175 -11.09 14.85 -31.24
CA ALA C 175 -11.18 14.68 -32.70
C ALA C 175 -12.26 15.54 -33.37
N ARG C 176 -13.49 15.60 -32.85
CA ARG C 176 -14.54 16.23 -33.66
C ARG C 176 -14.28 17.70 -33.79
N SER C 177 -13.88 18.31 -32.68
CA SER C 177 -13.66 19.73 -32.59
C SER C 177 -12.37 20.14 -33.30
N ALA C 178 -11.41 19.21 -33.39
CA ALA C 178 -10.26 19.43 -34.26
C ALA C 178 -10.71 19.35 -35.71
N LEU C 179 -11.28 18.24 -36.13
CA LEU C 179 -11.72 18.11 -37.53
C LEU C 179 -12.40 19.40 -38.05
N GLN C 180 -13.38 19.87 -37.28
CA GLN C 180 -14.13 21.10 -37.59
C GLN C 180 -13.15 22.28 -37.78
N GLN C 181 -12.32 22.52 -36.76
CA GLN C 181 -11.28 23.56 -36.82
C GLN C 181 -10.29 23.34 -37.96
N ASN C 182 -9.88 22.08 -38.18
CA ASN C 182 -8.88 21.76 -39.21
C ASN C 182 -9.37 22.23 -40.56
N GLN C 183 -10.61 21.87 -40.86
CA GLN C 183 -11.32 22.46 -41.98
C GLN C 183 -11.46 23.95 -41.71
N ALA C 184 -11.30 24.78 -42.73
CA ALA C 184 -11.35 26.24 -42.58
C ALA C 184 -9.97 26.79 -42.26
N ASN D 9 -7.75 -20.63 23.46
CA ASN D 9 -8.93 -19.74 23.23
C ASN D 9 -9.25 -19.56 21.73
N ILE D 10 -8.60 -18.59 21.06
CA ILE D 10 -9.00 -18.19 19.71
C ILE D 10 -7.81 -18.27 18.73
N LEU D 11 -7.95 -19.12 17.72
CA LEU D 11 -6.84 -19.49 16.89
C LEU D 11 -6.93 -18.83 15.54
N LYS D 12 -6.17 -17.75 15.37
CA LYS D 12 -6.08 -17.03 14.11
C LYS D 12 -5.27 -17.77 13.05
N VAL D 13 -5.90 -18.14 11.95
CA VAL D 13 -5.19 -18.78 10.85
C VAL D 13 -5.35 -17.96 9.56
N ILE D 14 -4.24 -17.75 8.82
CA ILE D 14 -4.24 -17.09 7.48
C ILE D 14 -3.98 -18.11 6.39
N ILE D 15 -4.74 -18.00 5.31
CA ILE D 15 -4.52 -18.85 4.13
C ILE D 15 -3.99 -18.00 2.97
N LEU D 16 -2.82 -18.33 2.45
CA LEU D 16 -2.19 -17.58 1.39
C LEU D 16 -1.87 -18.50 0.25
N GLY D 17 -1.59 -17.92 -0.91
CA GLY D 17 -1.52 -18.70 -2.16
C GLY D 17 -2.02 -17.90 -3.34
N ASP D 18 -1.58 -18.23 -4.55
CA ASP D 18 -1.95 -17.54 -5.74
C ASP D 18 -3.45 -17.63 -6.11
N SER D 19 -3.86 -16.82 -7.07
CA SER D 19 -5.24 -16.87 -7.54
C SER D 19 -5.54 -18.16 -8.28
N GLY D 20 -6.73 -18.70 -8.02
CA GLY D 20 -7.13 -20.00 -8.54
C GLY D 20 -6.69 -21.24 -7.77
N VAL D 21 -5.99 -21.15 -6.62
CA VAL D 21 -5.49 -22.42 -6.01
C VAL D 21 -6.58 -23.18 -5.26
N GLY D 22 -7.60 -22.47 -4.81
CA GLY D 22 -8.67 -23.12 -4.04
C GLY D 22 -8.69 -22.77 -2.55
N LYS D 23 -8.07 -21.67 -2.18
CA LYS D 23 -8.19 -21.14 -0.83
C LYS D 23 -9.64 -21.03 -0.28
N THR D 24 -10.53 -20.40 -1.05
CA THR D 24 -11.87 -20.11 -0.56
C THR D 24 -12.56 -21.44 -0.47
N SER D 25 -12.32 -22.31 -1.46
CA SER D 25 -12.97 -23.63 -1.53
C SER D 25 -12.61 -24.50 -0.31
N LEU D 26 -11.32 -24.57 -0.01
CA LEU D 26 -10.87 -25.27 1.18
C LEU D 26 -11.55 -24.69 2.42
N MET D 27 -11.52 -23.37 2.57
CA MET D 27 -12.18 -22.79 3.73
C MET D 27 -13.63 -23.24 3.81
N HIS D 28 -14.35 -23.28 2.67
CA HIS D 28 -15.74 -23.72 2.66
C HIS D 28 -15.89 -25.17 2.94
N ARG D 29 -14.99 -25.99 2.41
CA ARG D 29 -15.11 -27.44 2.60
C ARG D 29 -14.89 -27.68 4.09
N TYR D 30 -13.78 -27.18 4.59
CA TYR D 30 -13.49 -27.34 5.98
C TYR D 30 -14.63 -26.87 6.89
N VAL D 31 -15.05 -25.62 6.73
CA VAL D 31 -16.00 -24.98 7.66
C VAL D 31 -17.43 -25.43 7.40
N ASN D 32 -17.83 -25.53 6.13
CA ASN D 32 -19.24 -25.85 5.77
C ASN D 32 -19.48 -27.24 5.16
N ASP D 33 -18.43 -27.91 4.70
CA ASP D 33 -18.59 -29.20 4.04
C ASP D 33 -19.42 -29.07 2.75
N LYS D 34 -19.40 -27.90 2.12
CA LYS D 34 -19.97 -27.75 0.79
C LYS D 34 -18.89 -27.26 -0.14
N TYR D 35 -19.08 -27.53 -1.43
CA TYR D 35 -18.18 -27.09 -2.49
C TYR D 35 -19.02 -26.52 -3.62
N SER D 36 -19.17 -25.20 -3.63
CA SER D 36 -19.78 -24.51 -4.77
C SER D 36 -18.76 -24.48 -5.91
N CYS D 37 -19.20 -24.15 -7.13
CA CYS D 37 -18.24 -24.13 -8.24
C CYS D 37 -18.29 -22.85 -9.09
N LYS D 40 -15.58 -18.19 -9.02
CA LYS D 40 -15.63 -17.01 -8.17
C LYS D 40 -14.23 -16.56 -7.68
N ALA D 41 -14.05 -15.25 -7.45
CA ALA D 41 -12.76 -14.70 -7.02
C ALA D 41 -12.90 -13.84 -5.77
N THR D 42 -11.88 -13.85 -4.91
CA THR D 42 -11.96 -13.15 -3.63
C THR D 42 -11.45 -11.72 -3.75
N ILE D 43 -12.24 -10.78 -3.23
CA ILE D 43 -12.00 -9.35 -3.45
C ILE D 43 -11.30 -8.65 -2.29
N GLY D 44 -11.52 -9.13 -1.07
CA GLY D 44 -10.83 -8.61 0.12
C GLY D 44 -10.68 -9.74 1.14
N ALA D 45 -9.75 -9.61 2.07
CA ALA D 45 -9.65 -10.59 3.15
C ALA D 45 -10.97 -10.69 3.92
N ASP D 46 -11.35 -11.91 4.32
CA ASP D 46 -12.52 -12.14 5.15
C ASP D 46 -12.31 -13.42 5.94
N PHE D 47 -13.09 -13.64 7.00
CA PHE D 47 -12.91 -14.82 7.83
C PHE D 47 -14.19 -15.64 8.04
N LEU D 48 -13.98 -16.90 8.37
CA LEU D 48 -15.02 -17.77 8.89
C LEU D 48 -14.47 -18.40 10.14
N THR D 49 -15.40 -18.82 10.96
CA THR D 49 -15.08 -19.35 12.25
C THR D 49 -15.48 -20.83 12.29
N LYS D 50 -14.84 -21.60 13.17
CA LYS D 50 -15.34 -22.93 13.48
C LYS D 50 -14.84 -23.36 14.85
N GLU D 51 -15.66 -24.15 15.56
CA GLU D 51 -15.27 -24.72 16.86
C GLU D 51 -14.51 -26.03 16.71
N VAL D 52 -13.41 -26.20 17.43
CA VAL D 52 -12.55 -27.36 17.23
C VAL D 52 -12.37 -28.29 18.43
N THR D 53 -12.46 -29.59 18.13
CA THR D 53 -12.12 -30.71 19.03
C THR D 53 -12.27 -30.43 20.50
N VAL D 59 -11.35 -27.57 22.94
CA VAL D 59 -12.53 -26.71 22.77
C VAL D 59 -12.12 -25.25 22.53
N ALA D 60 -11.65 -24.98 21.32
CA ALA D 60 -11.26 -23.63 20.91
C ALA D 60 -11.94 -23.25 19.59
N THR D 61 -11.70 -22.02 19.15
CA THR D 61 -12.42 -21.45 18.01
C THR D 61 -11.41 -21.06 16.94
N MET D 62 -11.40 -21.79 15.83
CA MET D 62 -10.54 -21.46 14.73
C MET D 62 -11.13 -20.29 13.95
N GLN D 63 -10.40 -19.19 13.86
CA GLN D 63 -10.76 -18.12 12.93
C GLN D 63 -9.87 -18.18 11.70
N VAL D 64 -10.47 -18.58 10.57
CA VAL D 64 -9.71 -18.80 9.34
C VAL D 64 -9.95 -17.62 8.40
N TRP D 65 -8.84 -17.05 7.98
CA TRP D 65 -8.79 -15.92 7.05
C TRP D 65 -8.48 -16.30 5.65
N ASP D 66 -9.37 -15.87 4.77
CA ASP D 66 -9.25 -16.05 3.35
C ASP D 66 -8.80 -14.71 2.78
N THR D 67 -7.95 -14.75 1.77
CA THR D 67 -7.30 -13.56 1.22
C THR D 67 -7.43 -13.63 -0.29
N ALA D 68 -7.31 -12.49 -0.94
CA ALA D 68 -7.40 -12.42 -2.42
C ALA D 68 -6.04 -12.73 -3.09
N GLY D 69 -5.95 -13.81 -3.84
CA GLY D 69 -4.73 -14.11 -4.58
C GLY D 69 -4.35 -13.15 -5.72
N GLN D 70 -5.30 -12.38 -6.25
CA GLN D 70 -5.04 -11.56 -7.44
C GLN D 70 -3.99 -10.49 -7.18
N GLU D 71 -2.83 -10.63 -7.84
CA GLU D 71 -1.76 -9.61 -7.87
C GLU D 71 -2.34 -8.18 -7.94
N ARG D 72 -1.93 -7.34 -6.98
CA ARG D 72 -2.57 -6.05 -6.70
C ARG D 72 -3.99 -6.29 -6.16
N GLY D 77 -3.62 -3.51 3.48
CA GLY D 77 -4.07 -4.87 3.25
C GLY D 77 -3.20 -5.96 3.87
N VAL D 78 -2.38 -5.59 4.87
CA VAL D 78 -1.48 -6.55 5.54
C VAL D 78 -1.60 -6.60 7.08
N ALA D 79 -2.29 -5.64 7.70
CA ALA D 79 -2.31 -5.50 9.18
C ALA D 79 -2.90 -6.71 9.93
N PHE D 80 -3.75 -7.47 9.25
CA PHE D 80 -4.40 -8.63 9.85
C PHE D 80 -3.48 -9.86 9.97
N TYR D 81 -2.28 -9.81 9.40
CA TYR D 81 -1.27 -10.86 9.66
C TYR D 81 -0.84 -10.95 11.12
N ARG D 82 -0.69 -9.82 11.78
CA ARG D 82 -0.23 -9.85 13.16
C ARG D 82 -1.13 -10.65 14.08
N GLY D 83 -0.48 -11.40 14.96
CA GLY D 83 -1.17 -12.18 15.96
C GLY D 83 -1.68 -13.48 15.42
N ALA D 84 -1.35 -13.80 14.16
CA ALA D 84 -1.70 -15.09 13.59
C ALA D 84 -1.02 -16.16 14.43
N ASP D 85 -1.68 -17.32 14.50
CA ASP D 85 -1.14 -18.49 15.17
C ASP D 85 -0.69 -19.54 14.19
N CYS D 86 -1.07 -19.44 12.91
CA CYS D 86 -0.58 -20.39 11.90
C CYS D 86 -0.88 -19.86 10.53
N CYS D 87 -0.02 -20.21 9.57
CA CYS D 87 -0.18 -19.70 8.23
C CYS D 87 -0.23 -20.83 7.26
N VAL D 88 -1.21 -20.83 6.35
CA VAL D 88 -1.32 -21.88 5.36
C VAL D 88 -0.93 -21.42 3.97
N LEU D 89 -0.10 -22.21 3.27
CA LEU D 89 0.46 -21.86 1.96
C LEU D 89 -0.10 -22.87 1.01
N VAL D 90 -0.91 -22.41 0.07
CA VAL D 90 -1.64 -23.30 -0.75
C VAL D 90 -1.16 -23.14 -2.16
N TYR D 91 -0.81 -24.25 -2.80
CA TYR D 91 -0.60 -24.30 -4.24
C TYR D 91 -1.54 -25.31 -4.88
N ASP D 92 -1.59 -25.27 -6.20
CA ASP D 92 -2.44 -26.14 -7.02
C ASP D 92 -1.56 -27.02 -7.89
N VAL D 93 -1.76 -28.33 -7.79
CA VAL D 93 -0.86 -29.32 -8.35
C VAL D 93 -0.91 -29.28 -9.88
N THR D 94 -1.93 -28.62 -10.42
CA THR D 94 -2.09 -28.46 -11.87
C THR D 94 -1.58 -27.11 -12.39
N ASN D 95 -0.95 -26.34 -11.52
CA ASN D 95 -0.35 -25.05 -11.87
C ASN D 95 1.01 -24.83 -11.17
N ALA D 96 2.07 -25.04 -11.94
CA ALA D 96 3.48 -25.01 -11.52
C ALA D 96 3.95 -23.69 -10.97
N SER D 97 3.55 -22.59 -11.58
CA SER D 97 3.91 -21.27 -11.04
C SER D 97 3.41 -21.09 -9.59
N SER D 98 2.19 -21.53 -9.33
CA SER D 98 1.62 -21.45 -7.98
C SER D 98 2.48 -22.16 -6.97
N PHE D 99 3.14 -23.23 -7.40
CA PHE D 99 4.00 -24.01 -6.51
C PHE D 99 5.32 -23.28 -6.28
N GLU D 100 5.88 -22.76 -7.36
CA GLU D 100 7.10 -21.97 -7.30
C GLU D 100 6.99 -20.74 -6.44
N ASN D 101 5.78 -20.21 -6.25
CA ASN D 101 5.58 -19.01 -5.46
C ASN D 101 5.41 -19.30 -3.95
N ILE D 102 5.49 -20.55 -3.55
CA ILE D 102 5.21 -20.89 -2.18
C ILE D 102 6.19 -20.25 -1.18
N LYS D 103 7.47 -20.34 -1.43
CA LYS D 103 8.42 -19.64 -0.63
C LYS D 103 8.10 -18.13 -0.59
N SER D 104 7.62 -17.57 -1.68
CA SER D 104 7.45 -16.13 -1.68
C SER D 104 6.18 -15.71 -0.87
N TRP D 105 5.18 -16.58 -0.79
CA TRP D 105 4.09 -16.41 0.15
C TRP D 105 4.55 -16.55 1.58
N ARG D 106 5.40 -17.52 1.82
CA ARG D 106 5.94 -17.72 3.17
C ARG D 106 6.66 -16.46 3.67
N ASP D 107 7.53 -15.94 2.83
CA ASP D 107 8.33 -14.76 3.12
C ASP D 107 7.50 -13.52 3.30
N GLU D 108 6.46 -13.41 2.49
CA GLU D 108 5.50 -12.32 2.55
C GLU D 108 4.84 -12.28 3.94
N PHE D 109 4.45 -13.43 4.46
CA PHE D 109 3.94 -13.49 5.82
C PHE D 109 4.99 -13.01 6.83
N LEU D 110 6.18 -13.62 6.75
CA LEU D 110 7.19 -13.34 7.79
C LEU D 110 7.58 -11.87 7.77
N VAL D 111 7.58 -11.30 6.58
CA VAL D 111 8.04 -9.93 6.37
C VAL D 111 7.05 -8.92 6.96
N HIS D 112 5.76 -9.25 7.04
CA HIS D 112 4.75 -8.30 7.59
C HIS D 112 4.17 -8.69 8.91
N ALA D 113 4.39 -9.90 9.38
CA ALA D 113 3.61 -10.45 10.47
C ALA D 113 4.27 -10.28 11.82
N ASN D 114 5.55 -9.96 11.85
CA ASN D 114 6.24 -9.59 13.09
C ASN D 114 6.19 -10.62 14.23
N VAL D 115 6.48 -11.86 13.91
CA VAL D 115 6.37 -12.91 14.90
C VAL D 115 7.68 -12.95 15.68
N ASN D 116 7.55 -13.25 16.97
CA ASN D 116 8.69 -13.23 17.86
C ASN D 116 9.76 -14.25 17.52
N SER D 117 9.38 -15.36 16.88
CA SER D 117 10.32 -16.43 16.52
C SER D 117 10.07 -17.00 15.09
N PRO D 118 10.50 -16.27 14.04
CA PRO D 118 10.23 -16.70 12.66
C PRO D 118 10.81 -18.06 12.31
N GLU D 119 11.93 -18.44 12.92
CA GLU D 119 12.47 -19.81 12.74
C GLU D 119 11.49 -20.94 13.16
N THR D 120 10.70 -20.69 14.23
CA THR D 120 9.74 -21.68 14.77
C THR D 120 8.26 -21.51 14.36
N PHE D 121 7.87 -20.32 13.91
CA PHE D 121 6.45 -20.10 13.55
C PHE D 121 5.93 -21.17 12.60
N PRO D 122 4.76 -21.74 12.86
CA PRO D 122 4.19 -22.83 12.08
C PRO D 122 3.54 -22.43 10.77
N PHE D 123 3.92 -23.14 9.71
CA PHE D 123 3.31 -23.05 8.40
C PHE D 123 2.81 -24.41 8.01
N VAL D 124 1.87 -24.47 7.05
CA VAL D 124 1.48 -25.76 6.52
C VAL D 124 1.29 -25.55 5.07
N ILE D 125 1.74 -26.49 4.25
CA ILE D 125 1.60 -26.32 2.84
C ILE D 125 0.54 -27.32 2.35
N LEU D 126 -0.39 -26.84 1.50
CA LEU D 126 -1.42 -27.67 0.84
C LEU D 126 -1.26 -27.61 -0.66
N GLY D 127 -1.18 -28.80 -1.27
CA GLY D 127 -1.22 -28.96 -2.69
C GLY D 127 -2.63 -29.39 -3.05
N ASN D 128 -3.41 -28.46 -3.59
CA ASN D 128 -4.84 -28.69 -3.75
C ASN D 128 -5.10 -29.16 -5.14
N LYS D 129 -6.34 -29.57 -5.40
CA LYS D 129 -6.76 -30.17 -6.69
C LYS D 129 -6.12 -31.52 -6.97
N ILE D 130 -5.94 -32.32 -5.93
CA ILE D 130 -5.35 -33.65 -6.07
C ILE D 130 -6.29 -34.60 -6.79
N ASP D 131 -7.56 -34.25 -6.84
CA ASP D 131 -8.52 -35.05 -7.62
C ASP D 131 -8.22 -35.08 -9.12
N ALA D 132 -7.61 -34.03 -9.66
CA ALA D 132 -7.53 -33.86 -11.13
C ALA D 132 -6.81 -35.01 -11.86
N GLU D 133 -7.19 -35.21 -13.12
CA GLU D 133 -6.59 -36.27 -13.96
C GLU D 133 -5.05 -36.19 -14.01
N GLU D 134 -4.39 -37.34 -14.14
CA GLU D 134 -2.92 -37.42 -14.08
C GLU D 134 -2.28 -36.54 -15.15
N SER D 135 -2.90 -36.50 -16.33
CA SER D 135 -2.51 -35.55 -17.38
C SER D 135 -2.44 -34.11 -16.89
N LYS D 136 -3.37 -33.72 -16.00
CA LYS D 136 -3.38 -32.37 -15.39
C LYS D 136 -2.20 -32.12 -14.40
N LYS D 137 -1.97 -33.07 -13.48
CA LYS D 137 -0.91 -32.92 -12.47
C LYS D 137 0.49 -32.70 -13.05
N ILE D 138 1.15 -31.65 -12.57
CA ILE D 138 2.50 -31.30 -13.02
C ILE D 138 3.47 -31.16 -11.84
N VAL D 139 2.97 -30.87 -10.64
CA VAL D 139 3.88 -30.82 -9.51
C VAL D 139 3.96 -32.20 -8.89
N SER D 140 5.18 -32.68 -8.72
CA SER D 140 5.41 -33.99 -8.15
C SER D 140 5.36 -33.89 -6.64
N GLU D 141 4.86 -34.94 -6.01
CA GLU D 141 4.90 -35.11 -4.57
C GLU D 141 6.34 -34.98 -4.09
N LYS D 142 7.25 -35.60 -4.84
CA LYS D 142 8.65 -35.59 -4.45
C LYS D 142 9.13 -34.15 -4.36
N SER D 143 8.80 -33.33 -5.35
CA SER D 143 9.22 -31.92 -5.37
C SER D 143 8.68 -31.13 -4.20
N ALA D 144 7.41 -31.34 -3.92
CA ALA D 144 6.72 -30.61 -2.88
C ALA D 144 7.29 -30.98 -1.52
N GLN D 145 7.57 -32.24 -1.32
CA GLN D 145 8.16 -32.73 -0.05
C GLN D 145 9.51 -32.11 0.21
N GLU D 146 10.32 -32.06 -0.84
CA GLU D 146 11.64 -31.43 -0.80
C GLU D 146 11.55 -29.94 -0.51
N LEU D 147 10.51 -29.28 -1.00
CA LEU D 147 10.33 -27.86 -0.69
C LEU D 147 9.87 -27.67 0.73
N ALA D 148 8.89 -28.47 1.18
CA ALA D 148 8.44 -28.48 2.56
C ALA D 148 9.61 -28.64 3.48
N LYS D 149 10.41 -29.64 3.26
CA LYS D 149 11.59 -29.84 4.08
C LYS D 149 12.53 -28.62 3.99
N SER D 150 12.84 -28.22 2.78
CA SER D 150 13.74 -27.09 2.49
C SER D 150 13.32 -25.83 3.26
N LEU D 151 12.02 -25.56 3.29
CA LEU D 151 11.52 -24.38 3.99
C LEU D 151 11.46 -24.54 5.52
N GLY D 152 12.03 -25.61 6.06
CA GLY D 152 12.08 -25.82 7.50
C GLY D 152 11.16 -26.90 8.05
N ASP D 153 11.09 -28.04 7.37
CA ASP D 153 10.30 -29.18 7.87
C ASP D 153 8.82 -28.83 8.09
N ILE D 154 8.22 -28.19 7.09
CA ILE D 154 6.83 -27.79 7.11
C ILE D 154 6.01 -29.00 6.76
N PRO D 155 4.94 -29.28 7.48
CA PRO D 155 4.05 -30.35 7.01
C PRO D 155 3.43 -30.06 5.61
N LEU D 156 3.24 -31.12 4.83
CA LEU D 156 2.69 -31.05 3.50
C LEU D 156 1.47 -31.97 3.48
N PHE D 157 0.33 -31.45 3.08
CA PHE D 157 -0.81 -32.30 2.71
C PHE D 157 -1.17 -32.04 1.26
N LEU D 158 -1.50 -33.09 0.55
CA LEU D 158 -2.19 -33.02 -0.73
C LEU D 158 -3.69 -33.13 -0.58
N THR D 159 -4.48 -32.23 -1.17
CA THR D 159 -5.89 -32.13 -0.84
C THR D 159 -6.81 -31.93 -2.05
N SER D 160 -8.10 -32.18 -1.83
CA SER D 160 -9.13 -31.76 -2.72
C SER D 160 -10.29 -31.17 -1.93
N ALA D 161 -10.57 -29.89 -2.20
CA ALA D 161 -11.76 -29.20 -1.70
C ALA D 161 -13.01 -29.73 -2.42
N LYS D 162 -12.86 -30.12 -3.68
CA LYS D 162 -14.02 -30.57 -4.51
C LYS D 162 -14.51 -31.96 -4.13
N ASN D 163 -13.63 -32.83 -3.65
CA ASN D 163 -13.99 -34.22 -3.37
C ASN D 163 -13.75 -34.64 -1.93
N ALA D 164 -13.58 -33.66 -1.05
CA ALA D 164 -13.32 -33.92 0.36
C ALA D 164 -12.25 -34.96 0.55
N ILE D 165 -11.09 -34.71 -0.06
CA ILE D 165 -9.85 -35.47 0.21
C ILE D 165 -8.90 -34.66 1.09
N ASN D 166 -8.56 -35.19 2.26
CA ASN D 166 -7.55 -34.63 3.13
C ASN D 166 -7.72 -33.25 3.70
N VAL D 167 -8.87 -32.61 3.48
CA VAL D 167 -9.10 -31.32 4.10
C VAL D 167 -9.16 -31.48 5.63
N ASP D 168 -9.85 -32.52 6.07
CA ASP D 168 -9.96 -32.80 7.46
C ASP D 168 -8.58 -33.02 8.12
N THR D 169 -7.75 -33.86 7.51
CA THR D 169 -6.43 -34.16 8.05
C THR D 169 -5.56 -32.90 8.15
N ALA D 170 -5.48 -32.16 7.06
CA ALA D 170 -4.75 -30.89 7.01
C ALA D 170 -5.19 -29.94 8.10
N PHE D 171 -6.49 -29.62 8.15
CA PHE D 171 -6.96 -28.75 9.22
C PHE D 171 -6.88 -29.29 10.66
N GLU D 172 -6.76 -30.60 10.80
CA GLU D 172 -6.43 -31.15 12.08
C GLU D 172 -4.98 -30.73 12.38
N GLU D 173 -4.05 -30.72 11.40
CA GLU D 173 -2.66 -30.31 11.71
C GLU D 173 -2.52 -28.78 11.93
N ILE D 174 -3.18 -28.01 11.07
CA ILE D 174 -3.32 -26.58 11.22
C ILE D 174 -3.80 -26.18 12.63
N ALA D 175 -4.89 -26.77 13.14
CA ALA D 175 -5.40 -26.48 14.50
C ALA D 175 -4.42 -26.83 15.63
N ARG D 176 -3.81 -28.01 15.54
CA ARG D 176 -2.81 -28.46 16.50
C ARG D 176 -1.62 -27.51 16.59
N SER D 177 -1.07 -27.15 15.45
CA SER D 177 0.05 -26.22 15.48
C SER D 177 -0.38 -24.79 15.84
N ALA D 178 -1.57 -24.37 15.43
CA ALA D 178 -2.10 -23.08 15.85
C ALA D 178 -2.23 -23.01 17.39
N LEU D 179 -2.70 -24.08 17.99
CA LEU D 179 -2.92 -24.14 19.40
C LEU D 179 -1.62 -24.18 20.19
N GLN D 180 -0.60 -24.88 19.68
CA GLN D 180 0.73 -24.84 20.31
C GLN D 180 1.37 -23.43 20.29
N GLN D 181 1.29 -22.79 19.11
CA GLN D 181 1.77 -21.42 18.91
C GLN D 181 0.93 -20.41 19.70
N ASN D 182 -0.38 -20.60 19.75
CA ASN D 182 -1.25 -19.66 20.49
C ASN D 182 -0.95 -19.66 21.96
N GLN D 183 -0.81 -20.85 22.53
CA GLN D 183 -0.68 -21.02 23.97
C GLN D 183 0.80 -20.89 24.42
N ALA D 184 1.68 -20.55 23.47
CA ALA D 184 3.12 -20.38 23.70
C ALA D 184 3.45 -18.89 24.08
OAB 2UK E . -7.79 16.68 2.43
CBB 2UK E . -7.67 15.46 2.55
CAN 2UK E . -6.35 14.77 2.22
CAA 2UK E . -5.30 15.13 3.30
NAU 2UK E . -8.67 14.63 2.88
CAP 2UK E . -10.02 15.12 3.18
CAO 2UK E . -10.00 15.86 4.50
CAQ 2UK E . -11.19 15.36 5.29
N2 2UK E . -10.95 15.89 6.62
C2 2UK E . -10.75 15.11 7.68
N3 2UK E . -10.50 13.79 7.50
N1 2UK E . -10.80 15.61 8.96
C6 2UK E . -10.58 14.74 10.04
O6 2UK E . -10.63 15.21 11.20
C5 2UK E . -10.33 13.42 9.77
C4 2UK E . -10.29 12.97 8.51
N7 2UK E . -10.08 12.37 10.58
C8 2UK E . -9.91 11.30 9.80
N9 2UK E . -10.05 11.67 8.50
C1' 2UK E . -9.90 10.79 7.32
O4' 2UK E . -10.97 9.80 7.17
C2' 2UK E . -8.59 10.01 7.40
O2' 2UK E . -7.44 10.75 6.77
C3' 2UK E . -8.93 8.77 6.62
O3' 2UK E . -8.85 9.07 5.18
C4' 2UK E . -10.38 8.48 6.92
C5' 2UK E . -10.56 7.53 8.10
O5' 2UK E . -9.61 7.80 9.08
PA 2UK E . -9.42 6.67 10.11
O1A 2UK E . -8.86 7.39 11.32
O2A 2UK E . -8.62 5.59 9.40
O3A 2UK E . -10.99 6.19 10.40
PB 2UK E . -11.43 4.91 11.29
O1B 2UK E . -12.68 5.31 11.94
O2B 2UK E . -10.31 4.59 12.21
N3B 2UK E . -11.71 3.74 10.14
PG 2UK E . -11.91 2.06 10.57
O1G 2UK E . -10.58 1.85 11.12
O2G 2UK E . -13.04 2.11 11.46
O3G 2UK E . -12.16 1.56 9.22
MG MG F . -9.30 2.90 12.27
CL CL G . -34.41 1.32 22.20
OAB 2UK H . 23.40 -16.46 15.62
CBB 2UK H . 23.50 -16.17 14.42
CAN 2UK H . 24.06 -17.16 13.42
CAA 2UK H . 25.51 -16.73 13.21
NAU 2UK H . 23.16 -14.98 13.90
CAP 2UK H . 22.60 -13.89 14.71
CAO 2UK H . 21.15 -13.66 14.22
CAQ 2UK H . 21.01 -12.19 13.90
N2 2UK H . 20.30 -12.22 12.62
C2 2UK H . 20.88 -12.02 11.45
N3 2UK H . 22.19 -11.78 11.31
N1 2UK H . 20.12 -12.08 10.33
C6 2UK H . 20.67 -11.88 9.05
O6 2UK H . 19.90 -11.91 8.06
C5 2UK H . 21.97 -11.63 8.98
C4 2UK H . 22.72 -11.60 10.10
N7 2UK H . 22.78 -11.38 7.95
C8 2UK H . 24.02 -11.24 8.43
N9 2UK H . 23.98 -11.36 9.77
C1' 2UK H . 25.14 -11.24 10.79
O4' 2UK H . 25.59 -9.86 10.87
C2' 2UK H . 26.35 -12.00 10.31
O2' 2UK H . 26.23 -13.37 10.56
C3' 2UK H . 27.48 -11.38 11.09
O3' 2UK H . 27.52 -11.96 12.43
C4' 2UK H . 27.06 -9.91 11.07
C5' 2UK H . 27.73 -9.16 9.88
O5' 2UK H . 27.31 -9.64 8.59
PA 2UK H . 28.23 -9.29 7.28
O1A 2UK H . 27.54 -10.01 6.18
O2A 2UK H . 29.64 -9.61 7.61
O3A 2UK H . 28.04 -7.69 7.22
PB 2UK H . 28.82 -6.78 6.23
O1B 2UK H . 27.80 -5.81 5.81
O2B 2UK H . 29.42 -7.66 5.19
N3B 2UK H . 29.95 -6.07 7.18
PG 2UK H . 31.37 -5.33 6.51
O1G 2UK H . 31.88 -6.49 5.73
O2G 2UK H . 30.67 -4.19 5.86
O3G 2UK H . 32.11 -5.00 7.75
MG MG I . 31.12 -7.40 3.81
CL CL J . 15.93 -15.76 -0.25
OAB 2UK K . -0.91 0.65 -9.71
CBB 2UK K . -0.15 1.61 -9.57
CAN 2UK K . 1.34 1.50 -9.77
CAA 2UK K . 1.54 0.97 -11.19
NAU 2UK K . -0.49 2.84 -9.19
CAP 2UK K . -1.86 3.26 -8.91
CAO 2UK K . -2.40 3.92 -10.20
CAQ 2UK K . -2.63 5.40 -10.00
N2 2UK K . -3.63 5.60 -11.06
C2 2UK K . -3.35 6.07 -12.26
N3 2UK K . -2.08 6.34 -12.61
N1 2UK K . -4.39 6.30 -13.16
C6 2UK K . -4.10 6.82 -14.43
O6 2UK K . -5.03 7.02 -15.24
C5 2UK K . -2.82 7.06 -14.73
C4 2UK K . -1.81 6.82 -13.84
N7 2UK K . -2.26 7.54 -15.84
C8 2UK K . -0.94 7.60 -15.62
N9 2UK K . -0.66 7.16 -14.40
C1' 2UK K . 0.71 7.08 -13.83
O4' 2UK K . 1.30 8.39 -13.54
C2' 2UK K . 1.64 6.38 -14.82
O2' 2UK K . 1.53 4.90 -14.70
C3' 2UK K . 3.01 6.93 -14.45
O3' 2UK K . 3.58 6.13 -13.40
C4' 2UK K . 2.71 8.36 -13.95
C5' 2UK K . 2.80 9.46 -15.02
O5' 2UK K . 2.45 8.98 -16.32
PA 2UK K . 3.11 9.73 -17.57
O1A 2UK K . 2.08 9.42 -18.58
O2A 2UK K . 4.50 9.34 -17.80
O3A 2UK K . 3.10 11.32 -17.18
PB 2UK K . 3.21 12.56 -18.23
O1B 2UK K . 2.06 13.50 -18.02
O2B 2UK K . 3.39 12.02 -19.58
N3B 2UK K . 4.58 13.23 -17.52
PG 2UK K . 5.88 13.96 -18.38
O1G 2UK K . 6.19 12.98 -19.42
O2G 2UK K . 5.17 15.20 -18.75
O3G 2UK K . 6.80 14.01 -17.25
MG MG L . 5.06 12.23 -20.74
OAB 2UK M . -16.01 -29.46 -11.60
CBB 2UK M . -15.64 -28.40 -12.10
CAN 2UK M . -16.60 -27.25 -12.32
CAA 2UK M . -17.27 -26.97 -10.96
NAU 2UK M . -14.39 -28.14 -12.51
CAP 2UK M . -13.29 -29.11 -12.42
CAO 2UK M . -12.80 -29.33 -10.97
CAQ 2UK M . -11.29 -29.15 -10.93
N2 2UK M . -10.90 -29.68 -9.63
C2 2UK M . -10.83 -28.94 -8.52
N3 2UK M . -11.07 -27.62 -8.56
N1 2UK M . -10.43 -29.50 -7.29
C6 2UK M . -10.39 -28.70 -6.16
O6 2UK M . -10.07 -29.23 -5.08
C5 2UK M . -10.66 -27.38 -6.30
C4 2UK M . -11.00 -26.86 -7.49
N7 2UK M . -10.67 -26.35 -5.42
C8 2UK M . -11.01 -25.24 -6.06
N9 2UK M . -11.21 -25.56 -7.35
C1' 2UK M . -11.63 -24.62 -8.44
O4' 2UK M . -10.64 -23.64 -8.82
C2' 2UK M . -12.84 -23.83 -7.96
O2' 2UK M . -14.04 -24.58 -8.16
C3' 2UK M . -12.80 -22.60 -8.83
O3' 2UK M . -13.33 -22.89 -10.14
C4' 2UK M . -11.28 -22.33 -8.98
C5' 2UK M . -10.79 -21.30 -7.98
O5' 2UK M . -11.16 -21.73 -6.67
PA 2UK M . -11.16 -20.64 -5.50
O1A 2UK M . -11.62 -21.41 -4.29
O2A 2UK M . -11.83 -19.37 -5.86
O3A 2UK M . -9.57 -20.18 -5.43
PB 2UK M . -9.03 -18.89 -4.55
O1B 2UK M . -7.70 -19.29 -4.06
O2B 2UK M . -10.02 -18.49 -3.57
N3B 2UK M . -8.76 -17.74 -5.76
PG 2UK M . -8.82 -16.06 -5.36
O1G 2UK M . -10.17 -15.97 -4.83
O2G 2UK M . -7.71 -15.98 -4.43
O3G 2UK M . -8.63 -15.61 -6.78
MG MG N . -10.59 -16.86 -3.02
CL CL O . -11.95 -33.79 3.78
#